data_3CJQ
#
_entry.id   3CJQ
#
_cell.length_a   51.526
_cell.length_b   164.976
_cell.length_c   180.341
_cell.angle_alpha   90.00
_cell.angle_beta   90.00
_cell.angle_gamma   90.00
#
_symmetry.space_group_name_H-M   'P 21 21 21'
#
loop_
_entity.id
_entity.type
_entity.pdbx_description
1 polymer 'Ribosomal protein L11 methyltransferase'
2 polymer '50S ribosomal protein L11'
3 non-polymer S-ADENOSYL-L-HOMOCYSTEINE
4 non-polymer 'IODIDE ION'
5 non-polymer N,N-dimethyl-L-methionine
6 water water
#
loop_
_entity_poly.entity_id
_entity_poly.type
_entity_poly.pdbx_seq_one_letter_code
_entity_poly.pdbx_strand_id
1 'polypeptide(L)'
;MWVYRLKGTLEALDPILPGLFDGGARGLWEREGEVWAFFPAPVDLPYEGVWEEVGDEDWLEAWRRDLKPALAPPFVVLAP
WHTWEGAEIPLVIEPGMAFGTGHHETTRLALKALARHLRPGDKVLDLGTGSGVLAIAAEKLGGKALGVDIDPMVLPQAEA
NAKRNGVRPRFLEGSLEAALPFGPFDLLVANLYAELHAALAPRYREALVPGGRALLTGILKDRAPLVREAMAGAGFRPLE
EAAEGEWVLLAYGR
;
A,D,G
2 'polypeptide(L)'
;KKVVAVVKLQLPAGKATPAPPVGPALGQHGANIMEFVAAFNAATANMGDAIVPVEITIYADRSFTFVTKTPPASYLIRKA
AGLEKGAHKPGREKVGRITWEQVLEIAKQKMPDLNTTDLEAAARMIAGSARSMGVEVVGAPEVKDA
;
B,E,H
#
loop_
_chem_comp.id
_chem_comp.type
_chem_comp.name
_chem_comp.formula
2MM non-polymer N,N-dimethyl-L-methionine 'C7 H15 N O2 S'
IOD non-polymer 'IODIDE ION' 'I -1'
#
# COMPACT_ATOMS: atom_id res chain seq x y z
N MET A 1 -11.10 -50.04 8.15
CA MET A 1 -11.06 -50.00 9.66
C MET A 1 -12.16 -50.86 10.36
N TRP A 2 -12.04 -51.02 11.69
CA TRP A 2 -13.09 -51.58 12.58
C TRP A 2 -13.50 -50.58 13.64
N VAL A 3 -14.75 -50.65 14.04
CA VAL A 3 -15.24 -49.83 15.13
C VAL A 3 -15.66 -50.68 16.33
N TYR A 4 -15.32 -50.22 17.52
CA TYR A 4 -15.90 -50.78 18.75
C TYR A 4 -16.99 -49.81 19.19
N ARG A 5 -18.23 -50.25 19.26
CA ARG A 5 -19.30 -49.32 19.60
C ARG A 5 -19.70 -49.45 21.08
N LEU A 6 -19.56 -48.39 21.86
CA LEU A 6 -19.94 -48.45 23.26
C LEU A 6 -21.04 -47.46 23.55
N LYS A 7 -21.92 -47.88 24.43
CA LYS A 7 -23.04 -47.15 24.83
C LYS A 7 -22.62 -46.17 25.92
N GLY A 8 -22.84 -44.87 25.64
CA GLY A 8 -22.66 -43.78 26.60
C GLY A 8 -21.87 -42.65 26.01
N THR A 9 -21.65 -41.59 26.78
CA THR A 9 -20.95 -40.42 26.32
C THR A 9 -19.52 -40.61 26.81
N LEU A 10 -18.62 -39.81 26.26
CA LEU A 10 -17.20 -39.84 26.66
C LEU A 10 -17.07 -39.69 28.20
N GLU A 11 -17.82 -38.73 28.75
CA GLU A 11 -17.74 -38.40 30.15
C GLU A 11 -18.27 -39.59 30.97
N ALA A 12 -19.33 -40.26 30.53
CA ALA A 12 -19.84 -41.35 31.30
C ALA A 12 -18.87 -42.52 31.24
N LEU A 13 -18.20 -42.70 30.10
CA LEU A 13 -17.26 -43.84 29.85
C LEU A 13 -15.78 -43.52 30.24
N ASP A 14 -15.58 -42.27 30.65
CA ASP A 14 -14.29 -41.81 31.12
C ASP A 14 -13.38 -42.81 31.78
N PRO A 15 -13.83 -43.44 32.89
CA PRO A 15 -12.99 -44.47 33.57
C PRO A 15 -12.26 -45.45 32.62
N ILE A 16 -12.96 -45.99 31.61
CA ILE A 16 -12.41 -46.99 30.72
C ILE A 16 -11.80 -46.50 29.38
N LEU A 17 -11.89 -45.20 29.09
CA LEU A 17 -11.26 -44.63 27.89
C LEU A 17 -9.75 -44.94 27.67
N PRO A 18 -8.90 -44.78 28.71
CA PRO A 18 -7.49 -45.19 28.50
C PRO A 18 -7.34 -46.67 28.20
N GLY A 19 -8.18 -47.51 28.79
CA GLY A 19 -8.17 -48.94 28.45
C GLY A 19 -8.34 -49.20 26.94
N LEU A 20 -9.23 -48.41 26.29
CA LEU A 20 -9.53 -48.64 24.88
C LEU A 20 -8.29 -48.32 24.05
N PHE A 21 -7.49 -47.35 24.52
CA PHE A 21 -6.27 -47.00 23.80
C PHE A 21 -5.17 -48.02 24.00
N ASP A 22 -4.92 -48.34 25.27
CA ASP A 22 -4.03 -49.42 25.62
C ASP A 22 -4.31 -50.62 24.69
N GLY A 23 -5.60 -50.88 24.49
CA GLY A 23 -6.08 -51.90 23.58
C GLY A 23 -5.70 -51.75 22.11
N GLY A 24 -5.34 -50.51 21.69
CA GLY A 24 -4.84 -50.27 20.33
C GLY A 24 -5.71 -49.31 19.52
N ALA A 25 -6.69 -48.67 20.16
CA ALA A 25 -7.51 -47.64 19.49
C ALA A 25 -6.71 -46.46 18.90
N ARG A 26 -7.19 -45.90 17.80
CA ARG A 26 -6.51 -44.77 17.21
C ARG A 26 -7.21 -43.47 17.53
N GLY A 27 -8.49 -43.56 17.90
CA GLY A 27 -9.29 -42.36 18.09
C GLY A 27 -10.68 -42.69 18.59
N LEU A 28 -11.17 -41.81 19.46
CA LEU A 28 -12.54 -41.80 19.91
C LEU A 28 -13.42 -40.72 19.25
N TRP A 29 -14.66 -41.10 18.92
CA TRP A 29 -15.66 -40.22 18.30
C TRP A 29 -16.95 -40.36 19.10
N GLU A 30 -17.32 -39.31 19.84
CA GLU A 30 -18.63 -39.28 20.47
C GLU A 30 -19.73 -39.22 19.41
N ARG A 31 -20.65 -40.16 19.45
CA ARG A 31 -21.81 -40.07 18.55
C ARG A 31 -23.13 -40.15 19.40
N GLU A 32 -24.28 -40.01 18.77
CA GLU A 32 -25.56 -40.03 19.47
C GLU A 32 -25.71 -41.28 20.42
N GLY A 33 -25.34 -41.12 21.69
CA GLY A 33 -25.50 -42.18 22.71
C GLY A 33 -24.39 -43.26 22.77
N GLU A 34 -23.33 -43.10 21.96
CA GLU A 34 -22.28 -44.11 21.90
C GLU A 34 -20.94 -43.44 21.73
N VAL A 35 -19.88 -44.15 22.12
CA VAL A 35 -18.54 -43.74 21.75
C VAL A 35 -18.03 -44.74 20.73
N TRP A 36 -17.65 -44.28 19.56
CA TRP A 36 -17.05 -45.12 18.55
C TRP A 36 -15.57 -45.09 18.68
N ALA A 37 -14.97 -46.27 18.89
CA ALA A 37 -13.51 -46.35 18.92
C ALA A 37 -12.98 -47.07 17.71
N PHE A 38 -12.04 -46.43 17.01
CA PHE A 38 -11.54 -46.99 15.80
C PHE A 38 -10.28 -47.78 16.03
N PHE A 39 -10.25 -48.95 15.40
CA PHE A 39 -9.14 -49.93 15.52
C PHE A 39 -8.77 -50.42 14.14
N PRO A 40 -7.52 -50.90 13.98
CA PRO A 40 -7.22 -51.62 12.70
C PRO A 40 -7.97 -52.96 12.56
N ALA A 41 -7.98 -53.79 13.57
CA ALA A 41 -8.64 -55.07 13.44
C ALA A 41 -9.29 -55.32 14.77
N PRO A 42 -10.25 -56.26 14.83
CA PRO A 42 -10.94 -56.51 16.13
C PRO A 42 -9.96 -57.11 17.13
N VAL A 43 -10.13 -56.86 18.42
CA VAL A 43 -9.19 -57.46 19.38
C VAL A 43 -9.75 -58.03 20.67
N ASP A 44 -11.08 -58.03 20.88
CA ASP A 44 -11.66 -58.83 22.06
C ASP A 44 -11.50 -58.07 23.36
N LEU A 45 -12.50 -57.29 23.65
CA LEU A 45 -12.37 -56.34 24.72
C LEU A 45 -13.25 -56.65 25.93
N PRO A 46 -12.79 -56.26 27.11
CA PRO A 46 -13.64 -56.60 28.21
C PRO A 46 -14.82 -55.62 28.40
N TYR A 47 -15.01 -54.66 27.50
CA TYR A 47 -15.79 -53.49 27.86
C TYR A 47 -17.24 -53.50 27.52
N GLU A 48 -17.79 -54.67 27.19
CA GLU A 48 -19.23 -54.78 26.94
C GLU A 48 -19.66 -54.18 25.61
N GLY A 49 -18.72 -53.54 24.88
CA GLY A 49 -19.03 -53.03 23.56
C GLY A 49 -19.18 -54.10 22.48
N VAL A 50 -19.46 -53.63 21.26
CA VAL A 50 -19.84 -54.43 20.05
C VAL A 50 -19.09 -53.92 18.77
N TRP A 51 -18.60 -54.84 17.94
CA TRP A 51 -17.72 -54.54 16.81
C TRP A 51 -18.46 -54.52 15.44
N GLU A 52 -18.09 -53.54 14.61
CA GLU A 52 -18.56 -53.43 13.23
C GLU A 52 -17.36 -53.11 12.37
N GLU A 53 -17.25 -53.73 11.21
CA GLU A 53 -16.23 -53.33 10.25
C GLU A 53 -16.90 -52.20 9.50
N VAL A 54 -16.10 -51.24 9.02
CA VAL A 54 -16.67 -50.08 8.32
C VAL A 54 -16.09 -49.84 6.93
N GLY A 55 -16.96 -49.44 5.99
CA GLY A 55 -16.52 -49.13 4.56
C GLY A 55 -15.17 -48.35 4.51
N ASP A 56 -14.23 -48.87 3.69
CA ASP A 56 -13.11 -48.03 3.05
C ASP A 56 -13.55 -46.91 2.02
N ASP A 58 -10.33 -41.62 -0.78
CA ASP A 58 -10.10 -41.62 0.64
C ASP A 58 -11.25 -40.83 1.24
N TRP A 59 -11.10 -40.35 2.48
CA TRP A 59 -11.94 -39.28 2.98
C TRP A 59 -11.36 -37.94 2.47
N LEU A 60 -10.07 -37.97 2.12
CA LEU A 60 -9.40 -36.83 1.51
C LEU A 60 -10.06 -36.46 0.20
N GLU A 61 -10.19 -37.43 -0.70
CA GLU A 61 -10.79 -37.16 -2.00
C GLU A 61 -12.26 -37.39 -1.92
N ALA A 62 -12.87 -36.91 -0.84
CA ALA A 62 -14.30 -37.06 -0.68
C ALA A 62 -14.90 -35.72 -0.31
N TRP A 63 -14.30 -35.01 0.66
CA TRP A 63 -14.63 -33.59 0.92
C TRP A 63 -14.19 -32.69 -0.30
N ARG A 64 -12.91 -32.77 -0.70
CA ARG A 64 -12.34 -32.07 -1.87
C ARG A 64 -13.25 -32.23 -3.08
N ARG A 65 -13.38 -33.48 -3.56
CA ARG A 65 -14.17 -33.78 -4.76
C ARG A 65 -15.55 -33.04 -4.89
N ASP A 66 -16.30 -32.84 -3.79
CA ASP A 66 -17.66 -32.24 -3.92
C ASP A 66 -17.68 -30.77 -3.51
N LEU A 67 -16.52 -30.14 -3.56
CA LEU A 67 -16.33 -28.76 -3.17
C LEU A 67 -15.90 -28.07 -4.46
N LYS A 68 -16.70 -27.10 -4.87
CA LYS A 68 -16.57 -26.52 -6.20
C LYS A 68 -16.19 -25.05 -6.13
N PRO A 69 -15.66 -24.46 -7.22
CA PRO A 69 -15.48 -22.99 -7.23
C PRO A 69 -16.77 -22.29 -6.83
N ALA A 70 -16.72 -21.32 -5.91
CA ALA A 70 -17.93 -20.51 -5.54
C ALA A 70 -18.06 -19.24 -6.37
N LEU A 71 -19.06 -19.23 -7.24
CA LEU A 71 -19.20 -18.19 -8.23
C LEU A 71 -19.98 -17.04 -7.56
N ALA A 72 -19.38 -15.83 -7.59
CA ALA A 72 -19.97 -14.59 -7.08
C ALA A 72 -19.51 -13.49 -8.02
N PRO A 73 -20.18 -13.35 -9.14
CA PRO A 73 -19.65 -12.38 -10.14
C PRO A 73 -19.37 -10.99 -9.59
N PRO A 74 -18.24 -10.38 -10.00
CA PRO A 74 -17.28 -10.82 -11.01
C PRO A 74 -16.17 -11.66 -10.42
N PHE A 75 -16.38 -12.22 -9.26
CA PHE A 75 -15.38 -13.04 -8.65
C PHE A 75 -15.71 -14.53 -8.79
N VAL A 76 -14.69 -15.36 -8.60
CA VAL A 76 -14.91 -16.78 -8.27
C VAL A 76 -14.00 -17.15 -7.07
N VAL A 77 -14.54 -17.82 -6.05
CA VAL A 77 -13.64 -18.18 -4.94
C VAL A 77 -13.18 -19.61 -5.16
N LEU A 78 -11.87 -19.79 -5.31
CA LEU A 78 -11.28 -21.06 -5.67
C LEU A 78 -10.42 -21.59 -4.50
N ALA A 79 -10.47 -22.90 -4.27
CA ALA A 79 -9.46 -23.52 -3.42
C ALA A 79 -8.20 -23.63 -4.27
N PRO A 80 -7.05 -23.79 -3.63
CA PRO A 80 -5.75 -23.89 -4.32
C PRO A 80 -5.66 -24.88 -5.43
N TRP A 81 -6.50 -25.90 -5.42
CA TRP A 81 -6.37 -27.00 -6.42
C TRP A 81 -7.42 -26.83 -7.53
N HIS A 82 -8.25 -25.81 -7.41
CA HIS A 82 -9.23 -25.61 -8.44
C HIS A 82 -8.61 -24.97 -9.66
N THR A 83 -9.24 -25.25 -10.81
CA THR A 83 -8.89 -24.58 -12.03
C THR A 83 -10.11 -23.86 -12.56
N TRP A 84 -9.83 -22.78 -13.30
CA TRP A 84 -10.90 -21.92 -13.77
C TRP A 84 -10.52 -21.36 -15.12
N GLU A 85 -11.44 -21.46 -16.06
CA GLU A 85 -11.21 -20.94 -17.37
C GLU A 85 -11.79 -19.55 -17.47
N GLY A 86 -13.08 -19.37 -17.14
CA GLY A 86 -13.71 -18.01 -17.19
C GLY A 86 -12.91 -16.70 -16.95
N ALA A 87 -13.54 -15.56 -17.24
CA ALA A 87 -12.88 -14.24 -17.07
C ALA A 87 -13.03 -13.67 -15.63
N GLU A 88 -13.78 -14.37 -14.75
CA GLU A 88 -13.92 -13.90 -13.35
C GLU A 88 -12.63 -13.59 -12.66
N ILE A 89 -12.63 -12.72 -11.66
CA ILE A 89 -11.41 -12.34 -10.94
C ILE A 89 -11.31 -13.44 -9.89
N PRO A 90 -10.26 -14.22 -9.92
CA PRO A 90 -10.12 -15.34 -8.94
C PRO A 90 -9.70 -14.88 -7.59
N LEU A 91 -10.33 -15.35 -6.57
CA LEU A 91 -9.98 -15.10 -5.21
C LEU A 91 -9.59 -16.51 -4.70
N VAL A 92 -8.31 -16.78 -4.47
CA VAL A 92 -7.87 -18.13 -4.03
C VAL A 92 -7.91 -18.18 -2.50
N ILE A 93 -8.76 -19.05 -1.95
CA ILE A 93 -8.98 -19.13 -0.50
C ILE A 93 -9.13 -20.58 -0.07
N GLU A 94 -8.16 -21.19 0.59
CA GLU A 94 -8.39 -22.62 1.00
C GLU A 94 -9.31 -22.68 2.19
N PRO A 95 -10.29 -23.55 2.14
CA PRO A 95 -11.25 -23.74 3.25
C PRO A 95 -10.44 -24.06 4.46
N GLY A 96 -10.45 -23.23 5.49
CA GLY A 96 -9.46 -23.40 6.57
C GLY A 96 -10.14 -23.06 7.87
N MET A 97 -9.48 -22.35 8.80
CA MET A 97 -10.07 -22.16 10.14
C MET A 97 -10.68 -20.79 10.36
N ALA A 98 -11.07 -20.11 9.27
CA ALA A 98 -11.64 -18.77 9.38
C ALA A 98 -12.85 -18.68 8.43
N PHE A 99 -13.92 -18.06 8.91
CA PHE A 99 -15.12 -17.97 8.09
C PHE A 99 -14.83 -17.00 6.92
N GLY A 100 -15.48 -17.23 5.77
CA GLY A 100 -15.12 -16.52 4.57
C GLY A 100 -14.34 -17.37 3.58
N THR A 101 -14.84 -18.56 3.36
CA THR A 101 -14.31 -19.51 2.41
C THR A 101 -15.00 -19.24 1.11
N GLY A 102 -16.10 -18.49 1.18
CA GLY A 102 -16.92 -18.14 -0.02
C GLY A 102 -18.12 -19.05 -0.17
N HIS A 103 -18.18 -20.13 0.57
CA HIS A 103 -19.32 -20.97 0.48
C HIS A 103 -20.41 -20.63 1.44
N HIS A 104 -20.72 -19.37 1.54
CA HIS A 104 -21.88 -18.97 2.26
C HIS A 104 -22.53 -17.82 1.45
N GLU A 105 -23.83 -17.64 1.65
CA GLU A 105 -24.60 -16.60 1.02
C GLU A 105 -24.12 -15.21 1.31
N THR A 106 -23.76 -14.96 2.58
CA THR A 106 -23.40 -13.60 3.03
C THR A 106 -22.06 -13.15 2.41
N THR A 107 -21.10 -14.04 2.43
CA THR A 107 -19.83 -13.76 1.86
C THR A 107 -20.03 -13.40 0.40
N ARG A 108 -20.83 -14.21 -0.33
CA ARG A 108 -21.02 -13.99 -1.75
C ARG A 108 -21.83 -12.74 -2.07
N LEU A 109 -22.89 -12.44 -1.30
CA LEU A 109 -23.58 -11.18 -1.44
C LEU A 109 -22.65 -10.00 -1.15
N ALA A 110 -21.76 -10.09 -0.15
CA ALA A 110 -20.82 -9.00 0.05
C ALA A 110 -19.88 -8.73 -1.16
N LEU A 111 -19.40 -9.85 -1.73
CA LEU A 111 -18.49 -9.79 -2.86
C LEU A 111 -19.17 -9.11 -4.01
N LYS A 112 -20.44 -9.52 -4.23
CA LYS A 112 -21.13 -8.94 -5.42
C LYS A 112 -21.34 -7.46 -5.11
N ALA A 113 -21.59 -7.11 -3.84
CA ALA A 113 -21.91 -5.70 -3.54
C ALA A 113 -20.69 -4.85 -3.69
N LEU A 114 -19.52 -5.41 -3.37
CA LEU A 114 -18.30 -4.61 -3.57
C LEU A 114 -18.19 -4.18 -5.01
N ALA A 115 -18.50 -5.08 -5.95
CA ALA A 115 -18.32 -4.77 -7.34
C ALA A 115 -19.17 -3.61 -7.70
N ARG A 116 -20.36 -3.54 -7.11
CA ARG A 116 -21.34 -2.45 -7.49
C ARG A 116 -21.03 -1.14 -6.85
N HIS A 117 -20.29 -1.12 -5.74
CA HIS A 117 -20.06 0.09 -4.99
C HIS A 117 -18.62 0.65 -4.95
N LEU A 118 -17.59 -0.18 -5.14
CA LEU A 118 -16.23 0.20 -4.80
C LEU A 118 -15.70 0.97 -5.98
N ARG A 119 -15.39 2.25 -5.88
CA ARG A 119 -14.82 3.10 -6.98
C ARG A 119 -13.31 2.91 -6.89
N PRO A 120 -12.65 2.90 -8.05
CA PRO A 120 -11.18 2.73 -7.86
C PRO A 120 -10.58 3.78 -6.90
N GLY A 121 -9.71 3.33 -6.00
CA GLY A 121 -9.04 4.27 -5.11
C GLY A 121 -9.69 4.28 -3.73
N ASP A 122 -10.94 3.88 -3.64
CA ASP A 122 -11.63 3.91 -2.35
C ASP A 122 -10.84 3.31 -1.19
N LYS A 123 -10.90 3.94 -0.04
CA LYS A 123 -10.47 3.25 1.18
C LYS A 123 -11.60 2.40 1.80
N VAL A 124 -11.32 1.10 1.98
CA VAL A 124 -12.36 0.15 2.36
C VAL A 124 -12.07 -0.44 3.73
N LEU A 125 -13.10 -0.44 4.58
CA LEU A 125 -12.98 -1.05 5.86
C LEU A 125 -13.82 -2.28 5.81
N ASP A 126 -13.18 -3.42 6.07
CA ASP A 126 -13.82 -4.73 6.04
C ASP A 126 -13.95 -5.14 7.49
N LEU A 127 -15.10 -4.87 8.10
CA LEU A 127 -15.18 -5.07 9.51
C LEU A 127 -15.54 -6.52 9.78
N GLY A 128 -14.70 -7.31 10.42
CA GLY A 128 -15.10 -8.73 10.70
C GLY A 128 -14.52 -9.57 9.60
N THR A 129 -13.24 -9.31 9.33
CA THR A 129 -12.51 -9.85 8.17
C THR A 129 -12.41 -11.36 8.02
N GLY A 130 -12.40 -12.10 9.13
CA GLY A 130 -12.30 -13.58 9.04
C GLY A 130 -11.18 -14.06 8.11
N SER A 131 -11.52 -14.66 6.99
CA SER A 131 -10.47 -15.25 6.16
C SER A 131 -9.79 -14.13 5.38
N GLY A 132 -10.37 -12.91 5.42
CA GLY A 132 -9.79 -11.76 4.69
C GLY A 132 -10.27 -11.66 3.24
N VAL A 133 -11.17 -12.59 2.84
CA VAL A 133 -11.62 -12.69 1.48
C VAL A 133 -12.18 -11.33 0.91
N LEU A 134 -12.89 -10.51 1.71
CA LEU A 134 -13.50 -9.28 1.16
C LEU A 134 -12.44 -8.20 1.00
N ALA A 135 -11.58 -8.07 2.02
CA ALA A 135 -10.45 -7.13 1.90
C ALA A 135 -9.61 -7.45 0.70
N ILE A 136 -9.47 -8.75 0.40
CA ILE A 136 -8.65 -9.15 -0.78
C ILE A 136 -9.43 -8.77 -2.03
N ALA A 137 -10.74 -9.06 -2.03
CA ALA A 137 -11.57 -8.63 -3.15
C ALA A 137 -11.47 -7.11 -3.42
N ALA A 138 -11.49 -6.28 -2.38
CA ALA A 138 -11.41 -4.87 -2.49
C ALA A 138 -10.08 -4.43 -3.08
N GLU A 139 -8.97 -5.10 -2.73
CA GLU A 139 -7.68 -4.74 -3.38
C GLU A 139 -7.65 -5.14 -4.85
N LYS A 140 -8.27 -6.29 -5.14
CA LYS A 140 -8.42 -6.72 -6.54
C LYS A 140 -9.19 -5.69 -7.32
N LEU A 141 -10.13 -5.04 -6.68
CA LEU A 141 -10.91 -3.99 -7.37
C LEU A 141 -10.22 -2.62 -7.34
N GLY A 142 -8.99 -2.57 -6.82
CA GLY A 142 -8.29 -1.32 -6.79
C GLY A 142 -8.64 -0.44 -5.61
N GLY A 143 -9.18 -1.01 -4.53
CA GLY A 143 -9.45 -0.19 -3.36
C GLY A 143 -8.33 -0.42 -2.32
N LYS A 144 -8.06 0.52 -1.40
CA LYS A 144 -7.03 0.30 -0.32
C LYS A 144 -7.78 -0.25 0.94
N ALA A 145 -7.49 -1.48 1.39
CA ALA A 145 -8.40 -2.16 2.34
C ALA A 145 -7.79 -2.41 3.68
N LEU A 146 -8.67 -2.42 4.70
CA LEU A 146 -8.25 -2.68 6.09
C LEU A 146 -9.22 -3.76 6.58
N GLY A 147 -8.65 -4.88 7.01
CA GLY A 147 -9.50 -5.91 7.63
C GLY A 147 -9.26 -5.89 9.13
N VAL A 148 -10.33 -5.78 9.90
CA VAL A 148 -10.19 -5.87 11.35
C VAL A 148 -10.98 -7.09 11.85
N ASP A 149 -10.53 -7.71 12.96
CA ASP A 149 -11.30 -8.80 13.58
C ASP A 149 -10.96 -8.87 15.03
N ILE A 150 -11.97 -8.96 15.88
CA ILE A 150 -11.76 -9.03 17.34
C ILE A 150 -11.13 -10.32 17.72
N ASP A 151 -11.18 -11.33 16.83
CA ASP A 151 -10.55 -12.65 17.10
C ASP A 151 -9.12 -12.70 16.47
N PRO A 152 -8.05 -12.74 17.29
CA PRO A 152 -6.73 -12.69 16.77
C PRO A 152 -6.30 -13.90 15.95
N MET A 153 -7.00 -15.01 16.13
CA MET A 153 -6.65 -16.26 15.46
C MET A 153 -6.82 -16.23 13.95
N VAL A 154 -7.80 -15.48 13.45
CA VAL A 154 -8.00 -15.44 12.00
C VAL A 154 -7.02 -14.53 11.24
N LEU A 155 -6.26 -13.71 11.99
CA LEU A 155 -5.44 -12.71 11.28
C LEU A 155 -4.25 -13.29 10.50
N PRO A 156 -3.46 -14.21 11.12
CA PRO A 156 -2.38 -14.82 10.32
C PRO A 156 -2.91 -15.55 9.06
N GLN A 157 -4.16 -16.04 9.20
CA GLN A 157 -4.86 -16.74 8.12
C GLN A 157 -5.22 -15.76 7.06
N ALA A 158 -5.60 -14.55 7.46
CA ALA A 158 -5.98 -13.56 6.48
C ALA A 158 -4.75 -13.07 5.76
N GLU A 159 -3.62 -13.01 6.45
CA GLU A 159 -2.42 -12.57 5.82
C GLU A 159 -1.95 -13.55 4.80
N ALA A 160 -2.14 -14.81 5.11
CA ALA A 160 -1.71 -15.90 4.24
C ALA A 160 -2.64 -15.95 3.04
N ASN A 161 -3.95 -15.74 3.20
CA ASN A 161 -4.80 -15.67 2.00
C ASN A 161 -4.43 -14.48 1.13
N ALA A 162 -4.10 -13.39 1.78
CA ALA A 162 -3.69 -12.21 1.04
C ALA A 162 -2.42 -12.47 0.23
N LYS A 163 -1.43 -13.13 0.81
CA LYS A 163 -0.16 -13.33 0.18
C LYS A 163 -0.33 -14.20 -1.04
N ARG A 164 -1.18 -15.23 -0.95
CA ARG A 164 -1.41 -16.16 -2.08
C ARG A 164 -2.02 -15.41 -3.20
N ASN A 165 -2.87 -14.40 -2.92
CA ASN A 165 -3.61 -13.69 -3.95
C ASN A 165 -2.88 -12.42 -4.48
N GLY A 166 -1.63 -12.16 -4.02
CA GLY A 166 -0.81 -11.10 -4.60
C GLY A 166 -1.28 -9.67 -4.28
N VAL A 167 -1.89 -9.46 -3.09
CA VAL A 167 -2.33 -8.11 -2.74
C VAL A 167 -1.89 -7.92 -1.28
N ARG A 168 -1.83 -6.68 -0.77
CA ARG A 168 -1.46 -6.42 0.64
C ARG A 168 -2.27 -5.30 1.37
N PRO A 169 -3.47 -5.63 1.82
CA PRO A 169 -4.47 -4.90 2.69
C PRO A 169 -3.86 -4.96 4.07
N ARG A 170 -4.13 -3.93 5.01
CA ARG A 170 -3.71 -3.96 6.43
C ARG A 170 -4.70 -4.97 7.12
N PHE A 171 -4.27 -5.64 8.20
CA PHE A 171 -5.15 -6.49 9.01
C PHE A 171 -4.75 -6.10 10.42
N LEU A 172 -5.72 -5.84 11.29
CA LEU A 172 -5.37 -5.68 12.67
C LEU A 172 -6.46 -6.17 13.57
N GLU A 173 -6.12 -6.34 14.83
CA GLU A 173 -7.00 -6.90 15.85
C GLU A 173 -7.86 -5.79 16.38
N GLY A 174 -9.17 -6.03 16.61
CA GLY A 174 -10.06 -5.01 17.20
C GLY A 174 -11.35 -4.88 16.44
N SER A 175 -12.07 -3.77 16.65
CA SER A 175 -13.28 -3.52 15.87
C SER A 175 -13.25 -2.14 15.21
N LEU A 176 -14.43 -1.58 15.00
CA LEU A 176 -14.57 -0.23 14.54
C LEU A 176 -13.62 0.72 15.24
N GLU A 177 -13.62 0.72 16.55
CA GLU A 177 -12.72 1.60 17.34
C GLU A 177 -11.29 1.55 16.86
N ALA A 178 -10.75 0.34 16.72
CA ALA A 178 -9.39 0.16 16.34
C ALA A 178 -9.13 0.69 14.93
N ALA A 179 -10.14 0.64 14.05
CA ALA A 179 -10.06 0.98 12.64
C ALA A 179 -10.08 2.50 12.43
N LEU A 180 -10.68 3.23 13.38
CA LEU A 180 -10.90 4.65 13.21
C LEU A 180 -9.68 5.49 12.88
N PRO A 181 -8.54 5.25 13.53
CA PRO A 181 -7.38 6.09 13.17
C PRO A 181 -6.84 5.84 11.74
N PHE A 182 -7.32 4.77 11.12
CA PHE A 182 -6.90 4.37 9.80
C PHE A 182 -7.82 4.95 8.78
N GLY A 183 -8.92 5.58 9.23
CA GLY A 183 -9.93 6.11 8.30
C GLY A 183 -9.88 7.59 8.23
N PRO A 184 -10.97 8.25 7.87
CA PRO A 184 -12.30 7.67 7.61
C PRO A 184 -12.27 6.94 6.27
N PHE A 185 -13.27 6.13 6.04
CA PHE A 185 -13.30 5.27 4.85
C PHE A 185 -14.33 5.71 3.85
N ASP A 186 -14.22 5.15 2.65
CA ASP A 186 -15.13 5.54 1.61
C ASP A 186 -16.19 4.45 1.55
N LEU A 187 -15.85 3.25 1.99
CA LEU A 187 -16.69 2.16 1.83
C LEU A 187 -16.44 1.27 3.03
N LEU A 188 -17.52 0.80 3.62
CA LEU A 188 -17.41 -0.14 4.69
C LEU A 188 -18.20 -1.35 4.32
N VAL A 189 -17.62 -2.54 4.50
CA VAL A 189 -18.37 -3.77 4.25
C VAL A 189 -18.30 -4.65 5.51
N ALA A 190 -19.45 -5.07 6.01
CA ALA A 190 -19.48 -5.76 7.28
C ALA A 190 -20.34 -6.96 7.18
N ASN A 191 -19.71 -8.13 7.04
CA ASN A 191 -20.49 -9.37 7.06
C ASN A 191 -20.56 -9.87 8.52
N LEU A 192 -21.55 -9.44 9.25
CA LEU A 192 -21.64 -9.77 10.67
C LEU A 192 -22.98 -10.41 11.01
N TYR A 193 -23.81 -9.68 11.76
CA TYR A 193 -25.21 -10.10 12.08
C TYR A 193 -26.12 -8.91 12.49
N ALA A 194 -27.44 -9.10 12.34
CA ALA A 194 -28.41 -8.01 12.54
C ALA A 194 -28.21 -7.15 13.77
N GLU A 195 -28.19 -7.78 14.94
CA GLU A 195 -28.01 -7.00 16.22
C GLU A 195 -26.72 -6.19 16.33
N LEU A 196 -25.60 -6.77 15.94
CA LEU A 196 -24.31 -6.06 15.99
C LEU A 196 -24.36 -4.76 15.16
N HIS A 197 -24.95 -4.83 13.96
CA HIS A 197 -25.01 -3.67 13.07
C HIS A 197 -25.85 -2.60 13.73
N ALA A 198 -26.98 -3.06 14.32
CA ALA A 198 -27.91 -2.17 14.92
C ALA A 198 -27.25 -1.41 16.07
N ALA A 199 -26.34 -2.08 16.78
CA ALA A 199 -25.61 -1.49 17.86
C ALA A 199 -24.51 -0.55 17.33
N LEU A 200 -23.91 -0.88 16.18
CA LEU A 200 -22.82 -0.09 15.57
C LEU A 200 -23.27 1.07 14.60
N ALA A 201 -24.56 1.10 14.25
CA ALA A 201 -25.06 2.06 13.30
C ALA A 201 -24.52 3.49 13.47
N PRO A 202 -24.66 4.10 14.67
CA PRO A 202 -24.17 5.52 14.80
C PRO A 202 -22.68 5.68 14.51
N ARG A 203 -21.94 4.61 14.71
CA ARG A 203 -20.52 4.62 14.53
C ARG A 203 -20.12 4.26 13.14
N TYR A 204 -20.95 3.50 12.41
CA TYR A 204 -20.71 3.30 11.00
C TYR A 204 -20.70 4.69 10.39
N ARG A 205 -21.60 5.55 10.83
CA ARG A 205 -21.61 6.90 10.31
C ARG A 205 -20.28 7.66 10.57
N GLU A 206 -19.75 7.46 11.77
CA GLU A 206 -18.61 8.17 12.24
C GLU A 206 -17.40 7.70 11.41
N ALA A 207 -17.43 6.50 10.85
CA ALA A 207 -16.29 5.93 10.15
C ALA A 207 -16.21 6.34 8.68
N LEU A 208 -17.32 6.83 8.10
CA LEU A 208 -17.42 7.06 6.68
C LEU A 208 -17.33 8.54 6.35
N VAL A 209 -16.66 8.83 5.27
CA VAL A 209 -16.67 10.22 4.79
C VAL A 209 -18.09 10.53 4.22
N PRO A 210 -18.50 11.83 4.21
CA PRO A 210 -19.81 12.10 3.51
C PRO A 210 -19.74 11.51 2.09
N GLY A 211 -20.84 10.90 1.68
CA GLY A 211 -20.79 10.23 0.34
C GLY A 211 -20.43 8.76 0.35
N GLY A 212 -19.94 8.20 1.46
CA GLY A 212 -19.50 6.82 1.44
C GLY A 212 -20.63 5.79 1.59
N ARG A 213 -20.34 4.48 1.52
CA ARG A 213 -21.37 3.48 1.58
C ARG A 213 -21.10 2.47 2.66
N ALA A 214 -22.14 1.86 3.17
CA ALA A 214 -21.95 0.82 4.14
C ALA A 214 -22.68 -0.32 3.50
N LEU A 215 -22.04 -1.47 3.33
CA LEU A 215 -22.70 -2.59 2.75
C LEU A 215 -22.83 -3.55 3.89
N LEU A 216 -24.03 -3.73 4.48
CA LEU A 216 -24.17 -4.64 5.61
C LEU A 216 -24.77 -6.00 5.27
N THR A 217 -24.09 -7.06 5.65
CA THR A 217 -24.76 -8.34 5.56
C THR A 217 -24.49 -9.22 6.81
N GLY A 218 -24.71 -10.50 6.63
CA GLY A 218 -24.71 -11.40 7.80
C GLY A 218 -26.09 -11.36 8.42
N ILE A 219 -27.05 -10.75 7.72
CA ILE A 219 -28.33 -10.44 8.33
C ILE A 219 -29.39 -11.43 7.88
N LEU A 220 -29.99 -12.15 8.86
CA LEU A 220 -31.14 -13.03 8.60
C LEU A 220 -32.36 -12.21 8.17
N LYS A 221 -33.03 -12.64 7.11
CA LYS A 221 -34.15 -11.93 6.50
C LYS A 221 -35.15 -11.34 7.49
N ASP A 222 -35.60 -12.14 8.47
CA ASP A 222 -36.51 -11.61 9.53
C ASP A 222 -35.87 -10.55 10.46
N ARG A 223 -34.57 -10.62 10.69
CA ARG A 223 -33.98 -9.68 11.59
C ARG A 223 -33.68 -8.37 10.83
N ALA A 224 -34.14 -8.22 9.59
CA ALA A 224 -33.68 -7.08 8.81
C ALA A 224 -34.21 -5.77 9.33
N PRO A 225 -35.47 -5.72 9.72
CA PRO A 225 -35.98 -4.43 10.27
C PRO A 225 -35.09 -3.79 11.35
N LEU A 226 -34.49 -4.62 12.25
CA LEU A 226 -33.59 -4.05 13.29
C LEU A 226 -32.58 -3.15 12.61
N VAL A 227 -32.16 -3.55 11.43
CA VAL A 227 -31.10 -2.87 10.81
C VAL A 227 -31.67 -1.70 10.03
N ARG A 228 -32.81 -1.90 9.37
CA ARG A 228 -33.34 -0.80 8.56
C ARG A 228 -33.59 0.37 9.49
N GLU A 229 -34.18 0.04 10.67
CA GLU A 229 -34.35 0.98 11.81
C GLU A 229 -33.05 1.71 12.32
N ALA A 230 -32.01 0.96 12.70
CA ALA A 230 -30.88 1.58 13.32
C ALA A 230 -30.19 2.51 12.34
N MET A 231 -30.10 2.07 11.07
CA MET A 231 -29.44 2.83 10.04
C MET A 231 -30.24 4.08 9.70
N ALA A 232 -31.56 3.99 9.82
CA ALA A 232 -32.36 5.17 9.57
C ALA A 232 -32.09 6.15 10.71
N GLY A 233 -32.06 5.62 11.94
CA GLY A 233 -31.67 6.45 13.09
C GLY A 233 -30.34 7.17 12.91
N ALA A 234 -29.40 6.54 12.25
CA ALA A 234 -28.04 7.04 12.25
C ALA A 234 -27.87 8.09 11.18
N GLY A 235 -28.91 8.24 10.34
CA GLY A 235 -28.89 9.19 9.23
C GLY A 235 -28.56 8.62 7.87
N PHE A 236 -28.46 7.31 7.77
CA PHE A 236 -28.09 6.76 6.47
C PHE A 236 -29.26 6.80 5.54
N ARG A 237 -28.98 6.89 4.25
CA ARG A 237 -30.12 6.85 3.29
C ARG A 237 -30.04 5.52 2.48
N PRO A 238 -31.15 4.75 2.36
CA PRO A 238 -30.99 3.38 1.79
C PRO A 238 -30.76 3.30 0.29
N LEU A 239 -29.99 2.28 -0.13
CA LEU A 239 -29.77 1.94 -1.53
C LEU A 239 -30.37 0.56 -1.79
N GLU A 240 -29.79 -0.26 -2.63
CA GLU A 240 -30.43 -1.52 -2.94
C GLU A 240 -30.43 -2.47 -1.73
N GLU A 241 -31.22 -3.53 -1.78
CA GLU A 241 -31.11 -4.69 -0.88
C GLU A 241 -30.88 -5.88 -1.77
N ALA A 242 -30.09 -6.84 -1.31
CA ALA A 242 -29.95 -8.01 -2.10
C ALA A 242 -30.30 -9.20 -1.17
N ALA A 243 -30.71 -10.35 -1.71
CA ALA A 243 -30.84 -11.55 -0.84
C ALA A 243 -30.40 -12.87 -1.49
N GLU A 244 -30.02 -13.86 -0.67
CA GLU A 244 -29.81 -15.21 -1.16
C GLU A 244 -30.17 -16.15 -0.02
N GLY A 245 -31.09 -17.07 -0.29
CA GLY A 245 -31.49 -18.03 0.75
C GLY A 245 -32.19 -17.18 1.79
N GLU A 246 -31.76 -17.28 3.05
CA GLU A 246 -32.39 -16.53 4.13
C GLU A 246 -31.61 -15.25 4.50
N TRP A 247 -30.71 -14.79 3.65
CA TRP A 247 -29.86 -13.67 4.05
C TRP A 247 -30.04 -12.44 3.17
N VAL A 248 -29.83 -11.27 3.75
CA VAL A 248 -29.96 -10.04 2.98
C VAL A 248 -28.67 -9.28 3.10
N LEU A 249 -28.46 -8.36 2.14
CA LEU A 249 -27.38 -7.45 2.24
C LEU A 249 -28.12 -6.16 2.11
N LEU A 250 -27.94 -5.24 3.05
CA LEU A 250 -28.57 -3.93 2.97
C LEU A 250 -27.48 -2.91 2.64
N ALA A 251 -27.55 -2.21 1.50
CA ALA A 251 -26.64 -1.10 1.22
C ALA A 251 -27.13 0.32 1.62
N TYR A 252 -26.27 1.15 2.14
CA TYR A 252 -26.70 2.48 2.61
C TYR A 252 -25.72 3.53 2.20
N GLY A 253 -26.15 4.69 1.76
CA GLY A 253 -25.28 5.83 1.49
C GLY A 253 -25.32 6.79 2.67
N ARG A 254 -24.22 7.49 2.88
CA ARG A 254 -24.23 8.39 4.00
C ARG A 254 -23.88 9.77 3.57
N LYS B 1 -21.15 -16.29 12.11
CA LYS B 1 -20.63 -17.68 12.06
C LYS B 1 -21.64 -18.75 12.58
N LYS B 2 -22.50 -19.23 11.68
CA LYS B 2 -23.57 -20.16 12.00
C LYS B 2 -23.01 -21.55 12.17
N VAL B 3 -23.38 -22.19 13.28
CA VAL B 3 -22.83 -23.50 13.61
C VAL B 3 -23.68 -24.62 13.04
N VAL B 4 -23.04 -25.58 12.38
CA VAL B 4 -23.77 -26.71 11.89
C VAL B 4 -23.42 -27.94 12.69
N ALA B 5 -22.27 -27.96 13.33
CA ALA B 5 -21.93 -29.15 14.03
C ALA B 5 -20.84 -28.85 15.05
N VAL B 6 -20.89 -29.55 16.19
CA VAL B 6 -19.77 -29.54 17.15
C VAL B 6 -19.32 -30.98 17.47
N VAL B 7 -18.16 -31.38 16.93
CA VAL B 7 -17.79 -32.80 17.00
C VAL B 7 -16.91 -33.03 18.21
N LYS B 8 -17.29 -33.96 19.07
CA LYS B 8 -16.43 -34.36 20.17
C LYS B 8 -15.59 -35.60 19.86
N LEU B 9 -14.33 -35.38 19.48
CA LEU B 9 -13.38 -36.46 19.28
C LEU B 9 -12.53 -36.59 20.51
N GLN B 10 -11.75 -37.66 20.55
CA GLN B 10 -10.66 -37.83 21.51
C GLN B 10 -9.41 -38.48 20.80
N LEU B 11 -8.29 -37.79 20.82
CA LEU B 11 -7.17 -38.22 19.93
C LEU B 11 -5.79 -38.24 20.58
N PRO B 12 -4.89 -39.12 20.08
CA PRO B 12 -3.50 -39.16 20.59
C PRO B 12 -2.74 -37.95 20.09
N ALA B 13 -2.02 -37.28 20.97
CA ALA B 13 -1.24 -36.12 20.54
C ALA B 13 -0.26 -36.39 19.34
N GLY B 14 -0.19 -35.44 18.41
CA GLY B 14 0.63 -35.56 17.20
C GLY B 14 0.17 -36.61 16.20
N LYS B 15 -0.71 -37.51 16.64
CA LYS B 15 -1.15 -38.64 15.80
C LYS B 15 -2.41 -38.45 14.92
N ALA B 16 -3.07 -37.30 14.93
CA ALA B 16 -4.26 -37.17 14.06
C ALA B 16 -3.96 -37.55 12.59
N THR B 17 -4.84 -38.35 11.98
CA THR B 17 -4.74 -38.71 10.53
C THR B 17 -6.06 -38.47 9.81
N PRO B 18 -6.06 -38.52 8.47
CA PRO B 18 -7.35 -38.34 7.81
C PRO B 18 -8.21 -39.63 7.82
N ALA B 19 -7.76 -40.68 8.51
CA ALA B 19 -8.56 -41.91 8.66
C ALA B 19 -9.55 -41.73 9.81
N PRO B 20 -10.58 -42.60 9.90
CA PRO B 20 -11.45 -42.43 11.05
C PRO B 20 -10.69 -42.36 12.38
N PRO B 21 -11.23 -41.61 13.35
CA PRO B 21 -12.48 -40.85 13.25
C PRO B 21 -12.46 -39.49 12.50
N VAL B 22 -11.30 -38.88 12.33
CA VAL B 22 -11.29 -37.53 11.74
C VAL B 22 -11.96 -37.44 10.38
N GLY B 23 -11.56 -38.34 9.46
CA GLY B 23 -12.11 -38.35 8.11
C GLY B 23 -13.61 -38.18 8.08
N PRO B 24 -14.35 -39.13 8.64
CA PRO B 24 -15.79 -39.04 8.52
C PRO B 24 -16.42 -38.00 9.43
N ALA B 25 -15.84 -37.76 10.63
CA ALA B 25 -16.47 -36.87 11.59
C ALA B 25 -16.52 -35.42 11.08
N LEU B 26 -15.52 -35.00 10.32
CA LEU B 26 -15.42 -33.64 9.85
C LEU B 26 -15.67 -33.60 8.34
N GLY B 27 -15.40 -34.75 7.71
CA GLY B 27 -15.64 -34.93 6.31
C GLY B 27 -17.10 -34.77 5.99
N GLN B 28 -17.96 -35.33 6.83
CA GLN B 28 -19.39 -35.26 6.58
C GLN B 28 -19.99 -33.82 6.69
N HIS B 29 -19.22 -32.83 7.19
CA HIS B 29 -19.63 -31.40 7.17
C HIS B 29 -18.78 -30.61 6.17
N GLY B 30 -17.99 -31.38 5.44
CA GLY B 30 -17.18 -30.82 4.40
C GLY B 30 -16.15 -29.80 4.91
N ALA B 31 -15.72 -29.96 6.16
CA ALA B 31 -14.50 -29.30 6.67
C ALA B 31 -13.20 -29.92 6.14
N ASN B 32 -12.23 -29.05 5.89
CA ASN B 32 -10.91 -29.46 5.47
C ASN B 32 -10.23 -30.27 6.58
N ILE B 33 -10.34 -31.59 6.43
CA ILE B 33 -9.76 -32.54 7.38
C ILE B 33 -8.28 -32.42 7.43
N MET B 34 -7.69 -32.08 6.31
CA MET B 34 -6.27 -31.89 6.26
C MET B 34 -5.82 -30.72 7.11
N GLU B 35 -6.48 -29.56 6.95
CA GLU B 35 -6.13 -28.44 7.80
C GLU B 35 -6.22 -28.82 9.26
N PHE B 36 -7.27 -29.58 9.60
CA PHE B 36 -7.44 -30.01 10.98
C PHE B 36 -6.35 -30.93 11.48
N VAL B 37 -6.02 -31.99 10.72
CA VAL B 37 -4.86 -32.84 11.01
C VAL B 37 -3.60 -31.98 11.31
N ALA B 38 -3.23 -31.12 10.37
CA ALA B 38 -2.00 -30.38 10.50
C ALA B 38 -2.06 -29.40 11.69
N ALA B 39 -3.23 -28.77 11.85
CA ALA B 39 -3.47 -27.83 12.94
C ALA B 39 -3.49 -28.56 14.28
N PHE B 40 -4.22 -29.68 14.34
CA PHE B 40 -4.31 -30.45 15.59
C PHE B 40 -2.97 -31.08 15.94
N ASN B 41 -2.18 -31.43 14.93
CA ASN B 41 -0.95 -32.09 15.26
C ASN B 41 0.04 -31.07 15.77
N ALA B 42 0.02 -29.89 15.14
CA ALA B 42 0.92 -28.76 15.49
C ALA B 42 0.70 -28.31 16.95
N ALA B 43 -0.59 -28.15 17.36
CA ALA B 43 -0.93 -27.66 18.72
C ALA B 43 -0.70 -28.72 19.78
N THR B 44 -0.46 -29.96 19.33
CA THR B 44 -0.16 -31.07 20.23
C THR B 44 1.08 -31.93 19.87
N ALA B 45 1.88 -31.49 18.89
CA ALA B 45 3.21 -32.10 18.66
C ALA B 45 3.97 -32.12 20.00
N ASN B 46 3.51 -31.23 20.89
CA ASN B 46 4.01 -31.05 22.26
C ASN B 46 3.81 -32.22 23.20
N MET B 47 2.54 -32.39 23.59
CA MET B 47 2.14 -33.11 24.82
C MET B 47 2.58 -34.61 24.84
N GLY B 48 3.56 -34.97 24.00
CA GLY B 48 4.12 -36.32 23.91
C GLY B 48 3.16 -37.44 23.52
N ASP B 49 2.81 -38.27 24.49
CA ASP B 49 2.08 -39.52 24.26
C ASP B 49 0.58 -39.44 24.66
N ALA B 50 0.12 -38.27 25.08
CA ALA B 50 -1.21 -38.16 25.68
C ALA B 50 -2.41 -38.25 24.74
N ILE B 51 -3.55 -38.13 25.39
CA ILE B 51 -4.82 -38.43 24.82
C ILE B 51 -5.61 -37.17 25.02
N VAL B 52 -5.95 -36.55 23.90
CA VAL B 52 -6.43 -35.19 23.91
C VAL B 52 -7.89 -35.13 23.47
N PRO B 53 -8.75 -34.72 24.40
CA PRO B 53 -10.13 -34.48 24.02
C PRO B 53 -10.16 -33.20 23.22
N VAL B 54 -10.74 -33.23 22.03
CA VAL B 54 -10.81 -32.00 21.20
C VAL B 54 -12.23 -31.76 20.67
N GLU B 55 -12.86 -30.60 20.93
CA GLU B 55 -14.12 -30.24 20.24
C GLU B 55 -13.81 -29.49 18.99
N ILE B 56 -14.52 -29.87 17.92
CA ILE B 56 -14.41 -29.19 16.60
C ILE B 56 -15.74 -28.53 16.32
N THR B 57 -15.73 -27.20 16.24
CA THR B 57 -16.93 -26.45 15.91
C THR B 57 -16.94 -26.10 14.39
N ILE B 58 -17.80 -26.82 13.64
CA ILE B 58 -17.85 -26.62 12.16
C ILE B 58 -18.93 -25.62 11.81
N TYR B 59 -18.61 -24.68 10.94
CA TYR B 59 -19.53 -23.60 10.62
C TYR B 59 -20.25 -23.82 9.30
N ALA B 60 -21.30 -23.04 9.06
CA ALA B 60 -22.07 -23.12 7.80
C ALA B 60 -21.23 -23.07 6.53
N ASP B 61 -20.12 -22.31 6.49
CA ASP B 61 -19.35 -22.21 5.24
C ASP B 61 -18.22 -23.26 5.12
N ARG B 62 -18.29 -24.35 5.89
CA ARG B 62 -17.25 -25.41 5.87
C ARG B 62 -15.98 -25.09 6.68
N SER B 63 -15.77 -23.83 7.08
CA SER B 63 -14.67 -23.52 8.03
C SER B 63 -15.05 -24.09 9.43
N PHE B 64 -14.01 -24.31 10.24
CA PHE B 64 -14.15 -24.86 11.59
C PHE B 64 -13.19 -24.21 12.56
N THR B 65 -13.39 -24.60 13.82
CA THR B 65 -12.61 -24.13 14.94
C THR B 65 -12.48 -25.27 15.92
N PHE B 66 -11.45 -25.27 16.77
CA PHE B 66 -11.16 -26.42 17.65
C PHE B 66 -10.46 -26.01 18.93
N VAL B 67 -10.94 -26.61 20.02
CA VAL B 67 -10.40 -26.34 21.32
C VAL B 67 -9.97 -27.70 21.84
N THR B 68 -8.71 -27.80 22.29
CA THR B 68 -8.28 -28.98 23.05
C THR B 68 -8.47 -28.76 24.55
N LYS B 69 -8.88 -29.82 25.24
CA LYS B 69 -8.93 -29.86 26.72
C LYS B 69 -7.71 -30.56 27.26
N THR B 70 -7.49 -30.43 28.56
CA THR B 70 -6.33 -31.11 29.18
C THR B 70 -6.67 -32.56 29.53
N PRO B 71 -5.73 -33.50 29.21
CA PRO B 71 -5.77 -34.98 29.33
C PRO B 71 -6.08 -35.54 30.75
N PRO B 72 -6.12 -36.88 30.88
CA PRO B 72 -6.61 -37.49 32.13
C PRO B 72 -5.60 -37.52 33.26
N ALA B 73 -6.08 -37.52 34.49
CA ALA B 73 -5.19 -37.73 35.62
C ALA B 73 -4.10 -38.69 35.14
N SER B 74 -4.49 -39.94 34.93
CA SER B 74 -3.57 -41.00 34.52
C SER B 74 -2.24 -40.56 33.89
N TYR B 75 -2.21 -40.43 32.57
CA TYR B 75 -1.00 -39.95 31.90
C TYR B 75 -0.34 -38.76 32.64
N LEU B 76 -1.18 -37.81 33.09
CA LEU B 76 -0.74 -36.59 33.75
C LEU B 76 -0.07 -36.79 35.12
N ILE B 77 0.43 -37.99 35.34
CA ILE B 77 1.20 -38.24 36.54
C ILE B 77 2.65 -38.37 36.08
N ARG B 78 2.93 -39.52 35.45
CA ARG B 78 4.27 -39.87 34.97
C ARG B 78 5.06 -38.68 34.42
N ILE B 98 7.39 -43.31 41.56
CA ILE B 98 6.15 -42.81 42.16
C ILE B 98 6.26 -41.37 42.66
N THR B 99 5.45 -41.01 43.66
CA THR B 99 5.43 -39.60 44.14
C THR B 99 4.82 -39.46 45.54
N TRP B 100 5.27 -38.35 46.26
CA TRP B 100 4.81 -38.12 47.63
C TRP B 100 3.57 -37.22 47.69
N GLU B 101 3.79 -35.91 47.55
CA GLU B 101 2.78 -34.89 47.81
C GLU B 101 2.64 -33.91 46.64
N GLN B 102 3.61 -33.94 45.73
CA GLN B 102 3.69 -32.96 44.65
C GLN B 102 2.40 -32.89 43.84
N VAL B 103 1.45 -33.79 44.13
CA VAL B 103 0.08 -33.77 43.56
C VAL B 103 -0.58 -32.46 44.00
N LEU B 104 0.06 -31.83 45.00
CA LEU B 104 -0.21 -30.45 45.37
C LEU B 104 0.55 -29.58 44.34
N GLU B 105 1.20 -30.23 43.39
CA GLU B 105 1.78 -29.53 42.25
C GLU B 105 1.16 -29.92 40.90
N ILE B 106 0.32 -30.95 40.93
CA ILE B 106 -0.47 -31.40 39.78
C ILE B 106 -1.90 -30.91 40.03
N ALA B 107 -2.29 -30.91 41.30
CA ALA B 107 -3.60 -30.42 41.76
C ALA B 107 -3.67 -28.87 41.84
N LYS B 108 -2.75 -28.22 41.13
CA LYS B 108 -2.88 -26.80 40.72
C LYS B 108 -2.58 -26.71 39.22
N GLN B 109 -2.03 -27.82 38.70
CA GLN B 109 -1.93 -28.09 37.27
C GLN B 109 -2.96 -29.18 36.92
N LYS B 110 -4.07 -29.15 37.66
CA LYS B 110 -5.25 -29.98 37.39
C LYS B 110 -6.46 -29.07 37.16
N MET B 111 -6.60 -28.07 38.01
CA MET B 111 -7.74 -27.15 38.02
C MET B 111 -8.09 -26.55 36.65
N PRO B 112 -7.32 -25.52 36.19
CA PRO B 112 -7.70 -25.20 34.82
C PRO B 112 -7.91 -26.53 34.08
N ASP B 113 -7.86 -27.63 34.85
CA ASP B 113 -7.86 -29.01 34.33
C ASP B 113 -8.96 -29.90 34.93
N LEU B 114 -9.79 -29.34 35.80
CA LEU B 114 -10.86 -30.10 36.46
C LEU B 114 -12.19 -29.33 36.62
N ASN B 115 -13.00 -29.78 37.60
CA ASN B 115 -14.39 -29.32 37.66
C ASN B 115 -14.96 -29.01 39.05
N THR B 116 -14.14 -29.00 40.09
CA THR B 116 -14.64 -28.67 41.45
C THR B 116 -13.65 -27.84 42.28
N THR B 117 -13.37 -26.64 41.77
CA THR B 117 -12.45 -25.68 42.37
C THR B 117 -12.28 -25.83 43.89
N ASP B 118 -12.71 -26.99 44.41
CA ASP B 118 -12.45 -27.32 45.80
C ASP B 118 -10.97 -27.66 45.95
N LEU B 119 -10.15 -27.03 45.09
CA LEU B 119 -8.70 -27.16 45.18
C LEU B 119 -8.35 -28.45 45.93
N GLU B 120 -8.78 -28.53 47.20
CA GLU B 120 -8.54 -29.71 48.03
C GLU B 120 -9.54 -30.85 47.77
N ALA B 121 -10.60 -30.58 47.01
CA ALA B 121 -11.57 -31.63 46.68
C ALA B 121 -11.07 -32.43 45.47
N ALA B 122 -10.11 -31.85 44.76
CA ALA B 122 -9.36 -32.56 43.74
C ALA B 122 -8.26 -33.35 44.43
N ALA B 123 -7.25 -32.67 44.93
CA ALA B 123 -6.16 -33.38 45.63
C ALA B 123 -6.54 -34.85 45.97
N ARG B 124 -7.38 -35.01 46.97
CA ARG B 124 -7.82 -36.33 47.49
C ARG B 124 -8.34 -37.31 46.41
N MET B 125 -9.09 -36.77 45.46
CA MET B 125 -9.58 -37.53 44.31
C MET B 125 -8.43 -38.01 43.41
N ILE B 126 -7.74 -37.04 42.80
CA ILE B 126 -6.53 -37.29 42.01
C ILE B 126 -5.56 -38.23 42.73
N ALA B 127 -5.24 -37.90 43.97
CA ALA B 127 -4.35 -38.69 44.83
C ALA B 127 -4.83 -40.11 45.01
N GLY B 128 -6.01 -40.25 45.63
CA GLY B 128 -6.63 -41.57 45.81
C GLY B 128 -6.39 -42.38 44.55
N SER B 129 -6.69 -41.69 43.42
CA SER B 129 -6.50 -42.22 42.09
C SER B 129 -5.00 -42.42 41.85
N ALA B 130 -4.27 -41.31 41.95
CA ALA B 130 -2.84 -41.33 41.84
C ALA B 130 -2.30 -42.59 42.46
N ARG B 131 -2.77 -42.89 43.67
CA ARG B 131 -2.21 -44.03 44.39
C ARG B 131 -2.39 -45.32 43.62
N SER B 132 -3.62 -45.85 43.61
CA SER B 132 -3.89 -47.12 42.98
C SER B 132 -3.31 -47.23 41.56
N MET B 133 -2.63 -46.17 41.12
CA MET B 133 -1.95 -46.19 39.83
C MET B 133 -0.90 -47.33 39.74
N GLY B 134 -0.06 -47.44 40.77
CA GLY B 134 -0.11 -46.56 41.94
C GLY B 134 1.25 -45.98 42.29
N VAL B 135 1.38 -44.65 42.09
CA VAL B 135 2.52 -43.92 42.61
C VAL B 135 2.14 -43.51 44.03
N GLU B 136 3.10 -43.55 44.95
CA GLU B 136 2.77 -43.57 46.38
C GLU B 136 2.56 -42.22 47.14
N VAL B 137 2.13 -42.34 48.40
CA VAL B 137 1.58 -41.22 49.21
C VAL B 137 2.56 -40.61 50.21
N VAL B 138 2.37 -39.32 50.47
CA VAL B 138 3.01 -38.62 51.60
C VAL B 138 2.23 -37.33 51.94
N GLY B 139 1.00 -37.19 51.38
CA GLY B 139 0.26 -35.91 51.35
C GLY B 139 -0.35 -35.43 52.69
N ALA B 140 -1.33 -34.53 52.59
CA ALA B 140 -2.06 -34.04 53.77
C ALA B 140 -3.12 -35.06 54.26
N MET C 1 19.76 25.60 49.22
CA MET C 1 20.67 26.46 48.41
C MET C 1 20.29 27.91 48.48
N TRP C 2 21.26 28.76 48.20
CA TRP C 2 21.01 30.18 48.18
C TRP C 2 21.49 30.63 46.85
N VAL C 3 20.89 31.69 46.36
CA VAL C 3 21.41 32.30 45.17
C VAL C 3 21.97 33.65 45.48
N TYR C 4 23.00 34.05 44.76
CA TYR C 4 23.46 35.38 44.92
C TYR C 4 23.37 36.10 43.60
N ARG C 5 22.55 37.15 43.57
CA ARG C 5 22.16 37.81 42.32
C ARG C 5 23.00 39.07 42.12
N LEU C 6 23.62 39.22 40.96
CA LEU C 6 24.36 40.40 40.59
C LEU C 6 23.71 40.96 39.34
N LYS C 7 23.70 42.27 39.18
CA LYS C 7 23.19 42.90 37.96
C LYS C 7 24.23 42.82 36.82
N GLY C 8 23.77 42.54 35.60
CA GLY C 8 24.67 42.39 34.43
C GLY C 8 24.65 41.00 33.75
N THR C 9 25.39 40.88 32.64
CA THR C 9 25.60 39.61 31.94
C THR C 9 26.90 38.85 32.33
N LEU C 10 27.16 37.73 31.68
CA LEU C 10 28.38 36.97 31.96
C LEU C 10 29.63 37.49 31.26
N GLU C 11 29.50 38.01 30.02
CA GLU C 11 30.65 38.72 29.45
C GLU C 11 31.00 39.98 30.26
N ALA C 12 29.97 40.65 30.82
CA ALA C 12 30.15 41.90 31.53
C ALA C 12 30.82 41.65 32.85
N LEU C 13 30.22 40.82 33.68
CA LEU C 13 30.76 40.56 35.02
C LEU C 13 31.91 39.58 34.97
N ASP C 14 32.44 39.32 33.77
CA ASP C 14 33.50 38.33 33.64
C ASP C 14 34.64 38.47 34.68
N PRO C 15 35.33 39.63 34.72
CA PRO C 15 36.32 39.89 35.74
C PRO C 15 36.12 39.30 37.15
N ILE C 16 34.89 39.26 37.62
CA ILE C 16 34.63 38.87 39.03
C ILE C 16 33.96 37.49 39.21
N LEU C 17 33.79 36.72 38.14
CA LEU C 17 33.14 35.43 38.27
C LEU C 17 34.06 34.38 38.92
N PRO C 18 35.35 34.41 38.61
CA PRO C 18 36.26 33.52 39.34
C PRO C 18 36.09 33.60 40.88
N GLY C 19 36.01 34.80 41.41
CA GLY C 19 35.79 34.99 42.87
C GLY C 19 34.53 34.21 43.29
N LEU C 20 33.48 34.20 42.44
CA LEU C 20 32.28 33.50 42.81
C LEU C 20 32.58 31.99 42.95
N PHE C 21 33.41 31.50 42.06
CA PHE C 21 33.79 30.10 42.13
C PHE C 21 34.74 29.83 43.30
N ASP C 22 35.78 30.67 43.39
CA ASP C 22 36.63 30.75 44.58
C ASP C 22 35.84 30.75 45.90
N GLY C 23 34.83 31.62 45.99
CA GLY C 23 33.94 31.68 47.15
C GLY C 23 33.11 30.44 47.41
N GLY C 24 32.94 29.59 46.39
CA GLY C 24 32.21 28.30 46.50
C GLY C 24 31.03 28.07 45.54
N ALA C 25 30.73 29.01 44.65
CA ALA C 25 29.66 28.80 43.65
C ALA C 25 29.61 27.48 42.86
N ARG C 26 28.49 26.80 42.97
CA ARG C 26 28.25 25.54 42.27
C ARG C 26 27.95 25.77 40.80
N GLY C 27 27.33 26.87 40.45
CA GLY C 27 27.01 27.14 39.06
C GLY C 27 26.43 28.52 38.88
N LEU C 28 26.60 29.04 37.65
CA LEU C 28 26.23 30.40 37.28
C LEU C 28 25.11 30.30 36.26
N TRP C 29 24.11 31.18 36.36
CA TRP C 29 23.00 31.19 35.40
C TRP C 29 22.72 32.60 34.90
N GLU C 30 22.79 32.82 33.59
CA GLU C 30 22.42 34.16 33.10
C GLU C 30 20.87 34.35 32.95
N ARG C 31 20.33 35.45 33.43
CA ARG C 31 18.88 35.71 33.41
C ARG C 31 18.61 37.14 32.92
N GLU C 32 17.36 37.51 32.61
CA GLU C 32 17.10 38.85 32.08
C GLU C 32 17.96 39.88 32.86
N GLY C 33 19.06 40.32 32.24
CA GLY C 33 20.00 41.27 32.87
C GLY C 33 20.66 40.96 34.22
N GLU C 34 20.50 39.75 34.77
CA GLU C 34 21.18 39.37 36.03
C GLU C 34 22.01 38.12 35.82
N VAL C 35 22.72 37.70 36.85
CA VAL C 35 23.50 36.48 36.83
C VAL C 35 23.20 35.84 38.19
N TRP C 36 22.63 34.64 38.15
CA TRP C 36 22.31 33.89 39.39
C TRP C 36 23.43 32.90 39.77
N ALA C 37 24.14 33.20 40.86
CA ALA C 37 25.23 32.31 41.30
C ALA C 37 24.77 31.47 42.51
N PHE C 38 24.85 30.16 42.43
CA PHE C 38 24.15 29.34 43.43
C PHE C 38 25.13 28.80 44.44
N PHE C 39 24.86 29.02 45.75
CA PHE C 39 25.74 28.48 46.81
C PHE C 39 25.00 27.63 47.80
N PRO C 40 25.67 26.72 48.52
CA PRO C 40 24.86 25.99 49.49
C PRO C 40 24.42 26.88 50.66
N ALA C 41 25.14 27.99 50.87
CA ALA C 41 24.76 28.97 51.95
C ALA C 41 25.40 30.32 51.71
N PRO C 42 24.89 31.36 52.32
CA PRO C 42 25.61 32.61 52.14
C PRO C 42 27.09 32.65 52.61
N VAL C 43 27.86 33.40 51.83
CA VAL C 43 29.25 33.58 52.16
C VAL C 43 29.60 35.02 51.96
N ASP C 44 30.61 35.45 52.70
CA ASP C 44 31.07 36.81 52.75
C ASP C 44 31.67 37.16 51.40
N LEU C 45 31.04 38.08 50.64
CA LEU C 45 31.55 38.42 49.30
C LEU C 45 31.69 39.90 48.95
N PRO C 46 32.80 40.30 48.27
CA PRO C 46 33.06 41.75 48.06
C PRO C 46 32.29 42.42 46.93
N TYR C 47 31.24 41.78 46.43
CA TYR C 47 30.68 42.16 45.11
C TYR C 47 29.36 42.92 45.03
N GLU C 48 28.80 43.31 46.17
CA GLU C 48 27.58 44.13 46.16
C GLU C 48 26.48 43.47 45.33
N GLY C 49 26.30 42.15 45.46
CA GLY C 49 25.13 41.48 44.96
C GLY C 49 24.08 41.32 46.05
N VAL C 50 23.13 40.41 45.87
CA VAL C 50 22.00 40.18 46.79
C VAL C 50 21.71 38.67 47.06
N TRP C 51 21.80 38.27 48.33
CA TRP C 51 21.45 36.92 48.74
C TRP C 51 19.97 36.67 48.80
N GLU C 52 19.54 35.50 48.31
CA GLU C 52 18.15 35.05 48.38
C GLU C 52 18.08 33.55 48.63
N GLU C 53 17.19 33.09 49.49
CA GLU C 53 16.90 31.64 49.67
C GLU C 53 16.26 31.07 48.42
N VAL C 54 16.57 29.79 48.09
CA VAL C 54 15.79 29.05 47.09
C VAL C 54 15.26 27.68 47.55
N GLU C 57 13.09 22.14 46.08
CA GLU C 57 12.41 21.83 44.80
C GLU C 57 13.08 20.66 44.05
N ASP C 58 12.50 19.45 44.15
CA ASP C 58 13.10 18.31 43.41
C ASP C 58 12.76 18.49 41.94
N TRP C 59 13.71 19.02 41.16
CA TRP C 59 13.46 19.35 39.75
C TRP C 59 13.29 18.08 38.87
N LEU C 60 14.12 17.06 39.09
CA LEU C 60 13.91 15.74 38.53
C LEU C 60 12.54 15.23 38.72
N GLU C 61 12.04 15.22 39.94
CA GLU C 61 10.72 14.64 40.12
C GLU C 61 9.60 15.55 39.68
N ALA C 62 9.90 16.66 39.04
CA ALA C 62 8.80 17.46 38.59
C ALA C 62 8.66 17.17 37.10
N TRP C 63 9.82 17.17 36.44
CA TRP C 63 10.03 16.73 35.08
C TRP C 63 9.36 15.41 34.76
N ARG C 64 9.72 14.38 35.55
CA ARG C 64 9.13 13.04 35.53
C ARG C 64 7.64 13.02 35.83
N ARG C 65 7.21 13.88 36.74
CA ARG C 65 5.79 14.00 37.09
C ARG C 65 4.98 14.72 36.00
N ASP C 66 5.62 15.63 35.24
CA ASP C 66 4.86 16.41 34.27
C ASP C 66 4.94 15.96 32.81
N LEU C 67 5.80 14.98 32.52
CA LEU C 67 5.91 14.41 31.20
C LEU C 67 4.96 13.23 31.01
N LYS C 68 3.83 13.47 30.37
CA LYS C 68 2.83 12.42 30.22
C LYS C 68 2.87 11.70 28.80
N PRO C 69 2.34 10.47 28.66
CA PRO C 69 2.23 9.85 27.31
C PRO C 69 1.64 10.82 26.27
N ALA C 70 2.12 10.78 25.05
CA ALA C 70 1.62 11.68 24.05
C ALA C 70 0.81 10.83 23.01
N LEU C 71 -0.55 10.89 23.08
CA LEU C 71 -1.42 10.11 22.17
C LEU C 71 -1.40 10.65 20.77
N ALA C 72 -1.11 9.80 19.77
CA ALA C 72 -1.22 10.17 18.33
C ALA C 72 -1.80 8.95 17.63
N PRO C 73 -3.13 8.74 17.81
CA PRO C 73 -3.72 7.46 17.33
C PRO C 73 -3.34 7.15 15.89
N PRO C 74 -2.96 5.90 15.62
CA PRO C 74 -3.04 4.70 16.50
C PRO C 74 -1.86 4.50 17.47
N PHE C 75 -1.03 5.51 17.65
CA PHE C 75 0.20 5.41 18.44
C PHE C 75 0.09 6.12 19.78
N VAL C 76 0.97 5.76 20.70
CA VAL C 76 1.15 6.56 21.92
C VAL C 76 2.63 6.67 22.13
N VAL C 77 3.14 7.90 22.01
CA VAL C 77 4.57 8.10 22.25
C VAL C 77 4.87 8.09 23.77
N LEU C 78 5.56 7.06 24.23
CA LEU C 78 5.98 6.90 25.64
C LEU C 78 7.46 7.14 25.91
N ALA C 79 7.77 7.65 27.08
CA ALA C 79 9.17 7.60 27.57
C ALA C 79 9.36 6.26 28.20
N PRO C 80 10.61 5.81 28.27
CA PRO C 80 10.96 4.44 28.65
C PRO C 80 10.37 3.94 29.93
N TRP C 81 9.95 4.82 30.82
CA TRP C 81 9.51 4.36 32.15
C TRP C 81 8.02 4.41 32.35
N HIS C 82 7.30 4.83 31.29
CA HIS C 82 5.85 5.01 31.29
C HIS C 82 5.32 3.62 31.10
N THR C 83 4.19 3.26 31.72
CA THR C 83 3.49 2.04 31.31
C THR C 83 2.28 2.46 30.50
N TRP C 84 1.64 1.53 29.78
CA TRP C 84 0.48 1.88 28.96
C TRP C 84 -0.50 0.71 28.80
N GLU C 85 -1.80 0.98 28.96
CA GLU C 85 -2.78 -0.12 28.96
C GLU C 85 -3.70 -0.14 27.73
N GLY C 86 -3.51 0.74 26.77
CA GLY C 86 -4.41 0.74 25.62
C GLY C 86 -3.99 -0.18 24.51
N ALA C 87 -4.74 -0.17 23.43
CA ALA C 87 -4.31 -0.88 22.23
C ALA C 87 -3.40 -0.03 21.30
N GLU C 88 -3.19 1.26 21.61
CA GLU C 88 -2.27 2.07 20.83
C GLU C 88 -0.98 1.34 20.55
N ILE C 89 -0.43 1.51 19.35
CA ILE C 89 0.92 0.99 19.04
C ILE C 89 1.93 1.90 19.79
N PRO C 90 2.68 1.36 20.78
CA PRO C 90 3.59 2.20 21.61
C PRO C 90 4.86 2.53 20.86
N LEU C 91 5.23 3.80 20.86
CA LEU C 91 6.46 4.30 20.28
C LEU C 91 7.22 4.77 21.50
N VAL C 92 8.22 4.03 21.94
CA VAL C 92 9.01 4.45 23.11
C VAL C 92 10.14 5.41 22.70
N ILE C 93 10.14 6.65 23.15
CA ILE C 93 11.18 7.63 22.69
C ILE C 93 11.66 8.43 23.88
N GLU C 94 12.98 8.37 24.14
CA GLU C 94 13.60 9.15 25.24
C GLU C 94 13.54 10.67 24.87
N PRO C 95 12.95 11.49 25.72
CA PRO C 95 13.09 12.90 25.35
C PRO C 95 14.53 13.26 25.47
N GLY C 96 15.22 13.48 24.38
CA GLY C 96 16.61 13.62 24.50
C GLY C 96 17.06 14.83 23.78
N MET C 97 17.96 14.64 22.83
CA MET C 97 18.71 15.77 22.23
C MET C 97 18.44 15.81 20.74
N ALA C 98 17.36 15.18 20.28
CA ALA C 98 16.91 15.27 18.84
C ALA C 98 15.48 15.65 18.78
N PHE C 99 15.11 16.51 17.84
CA PHE C 99 13.71 16.90 17.70
C PHE C 99 12.90 15.68 17.31
N GLY C 100 11.69 15.54 17.86
CA GLY C 100 10.91 14.35 17.54
C GLY C 100 10.58 13.58 18.82
N THR C 101 10.29 14.26 19.89
CA THR C 101 10.03 13.56 21.11
C THR C 101 8.61 13.05 21.10
N GLY C 102 7.77 13.61 20.24
CA GLY C 102 6.36 13.24 20.27
C GLY C 102 5.48 14.28 20.94
N HIS C 103 6.09 15.23 21.63
CA HIS C 103 5.33 16.31 22.28
C HIS C 103 5.30 17.53 21.39
N HIS C 104 4.73 17.38 20.20
CA HIS C 104 4.57 18.52 19.35
C HIS C 104 3.41 18.26 18.42
N GLU C 105 2.57 19.27 18.23
CA GLU C 105 1.50 19.19 17.28
C GLU C 105 1.97 18.54 15.92
N THR C 106 3.12 18.95 15.38
CA THR C 106 3.50 18.54 14.04
C THR C 106 3.98 17.10 14.03
N THR C 107 4.69 16.65 15.04
CA THR C 107 5.14 15.27 15.02
C THR C 107 3.93 14.35 15.13
N ARG C 108 3.01 14.62 16.06
CA ARG C 108 1.79 13.85 16.15
C ARG C 108 0.89 13.93 14.91
N LEU C 109 0.93 15.03 14.16
CA LEU C 109 0.09 15.14 12.99
C LEU C 109 0.65 14.23 11.90
N ALA C 110 1.99 14.16 11.82
CA ALA C 110 2.64 13.20 10.95
C ALA C 110 2.35 11.72 11.32
N LEU C 111 2.44 11.36 12.62
CA LEU C 111 2.15 10.01 13.01
C LEU C 111 0.72 9.63 12.65
N LYS C 112 -0.27 10.54 12.84
CA LYS C 112 -1.66 10.16 12.57
C LYS C 112 -1.81 10.00 11.05
N ALA C 113 -1.13 10.86 10.28
CA ALA C 113 -1.25 10.77 8.82
C ALA C 113 -0.57 9.50 8.26
N LEU C 114 0.50 9.02 8.92
CA LEU C 114 1.04 7.76 8.49
C LEU C 114 -0.03 6.72 8.52
N ALA C 115 -0.84 6.66 9.55
CA ALA C 115 -1.81 5.61 9.62
C ALA C 115 -2.81 5.71 8.45
N ARG C 116 -3.01 6.88 7.90
CA ARG C 116 -4.14 7.03 6.94
C ARG C 116 -3.66 6.74 5.56
N HIS C 117 -2.38 6.83 5.32
CA HIS C 117 -1.82 6.71 3.97
C HIS C 117 -0.86 5.51 3.77
N LEU C 118 -0.13 5.09 4.80
CA LEU C 118 0.90 4.10 4.60
C LEU C 118 0.28 2.71 4.34
N ARG C 119 0.56 2.07 3.19
CA ARG C 119 0.05 0.69 2.81
C ARG C 119 1.17 -0.32 3.22
N PRO C 120 0.77 -1.50 3.76
CA PRO C 120 1.76 -2.53 4.17
C PRO C 120 2.74 -2.80 3.01
N GLY C 121 4.05 -2.75 3.27
CA GLY C 121 5.03 -2.90 2.19
C GLY C 121 5.56 -1.57 1.59
N ASP C 122 4.89 -0.47 1.85
CA ASP C 122 5.31 0.83 1.26
C ASP C 122 6.71 1.14 1.61
N LYS C 123 7.52 1.52 0.61
CA LYS C 123 8.82 2.18 0.90
C LYS C 123 8.68 3.65 1.27
N VAL C 124 9.10 3.99 2.50
CA VAL C 124 8.88 5.31 3.11
C VAL C 124 10.16 6.08 3.25
N LEU C 125 10.09 7.35 2.87
CA LEU C 125 11.20 8.23 3.11
C LEU C 125 10.71 9.27 4.13
N ASP C 126 11.43 9.37 5.23
CA ASP C 126 11.18 10.31 6.29
C ASP C 126 12.29 11.39 6.21
N LEU C 127 12.02 12.47 5.52
CA LEU C 127 13.05 13.47 5.25
C LEU C 127 13.16 14.30 6.53
N GLY C 128 14.35 14.39 7.14
CA GLY C 128 14.45 15.13 8.41
C GLY C 128 14.04 14.30 9.61
N THR C 129 14.67 13.13 9.78
CA THR C 129 14.15 12.09 10.63
C THR C 129 14.34 12.44 12.11
N GLY C 130 15.32 13.31 12.42
CA GLY C 130 15.57 13.74 13.81
C GLY C 130 15.70 12.53 14.73
N SER C 131 14.72 12.32 15.61
CA SER C 131 14.83 11.27 16.62
C SER C 131 14.55 9.94 16.03
N GLY C 132 14.11 9.93 14.78
CA GLY C 132 13.73 8.63 14.15
C GLY C 132 12.26 8.21 14.28
N VAL C 133 11.49 8.96 15.09
CA VAL C 133 10.20 8.59 15.50
C VAL C 133 9.29 8.24 14.32
N LEU C 134 9.31 9.03 13.27
CA LEU C 134 8.42 8.80 12.12
C LEU C 134 8.83 7.55 11.36
N ALA C 135 10.11 7.40 11.03
CA ALA C 135 10.59 6.16 10.42
C ALA C 135 10.30 4.90 11.28
N ILE C 136 10.40 5.07 12.59
CA ILE C 136 10.05 3.99 13.49
C ILE C 136 8.55 3.72 13.37
N ALA C 137 7.78 4.79 13.41
CA ALA C 137 6.36 4.62 13.33
C ALA C 137 6.07 3.89 12.01
N ALA C 138 6.78 4.22 10.92
CA ALA C 138 6.55 3.63 9.61
C ALA C 138 6.88 2.10 9.56
N GLU C 139 7.96 1.66 10.22
CA GLU C 139 8.24 0.25 10.24
C GLU C 139 7.12 -0.50 10.98
N LYS C 140 6.51 0.14 11.99
CA LYS C 140 5.51 -0.49 12.85
C LYS C 140 4.31 -0.74 12.04
N LEU C 141 4.11 0.09 11.00
CA LEU C 141 2.90 -0.02 10.16
C LEU C 141 3.08 -0.94 8.94
N GLY C 142 4.22 -1.65 8.91
CA GLY C 142 4.59 -2.45 7.81
C GLY C 142 5.35 -1.73 6.68
N GLY C 143 5.75 -0.49 6.86
CA GLY C 143 6.54 0.12 5.86
C GLY C 143 8.01 -0.22 6.02
N LYS C 144 8.79 0.01 4.99
CA LYS C 144 10.25 -0.10 5.13
C LYS C 144 10.72 1.26 4.96
N ALA C 145 11.37 1.80 5.95
CA ALA C 145 11.59 3.23 6.00
C ALA C 145 13.07 3.60 5.95
N LEU C 146 13.40 4.80 5.44
CA LEU C 146 14.69 5.37 5.41
C LEU C 146 14.47 6.74 6.04
N GLY C 147 15.22 7.07 7.10
CA GLY C 147 15.14 8.41 7.67
C GLY C 147 16.46 9.14 7.33
N VAL C 148 16.38 10.34 6.76
CA VAL C 148 17.63 11.08 6.52
C VAL C 148 17.63 12.40 7.32
N ASP C 149 18.81 12.94 7.54
CA ASP C 149 18.96 14.25 8.20
C ASP C 149 20.27 14.89 7.76
N ILE C 150 20.26 16.20 7.50
CA ILE C 150 21.50 16.89 7.14
C ILE C 150 22.34 17.07 8.39
N ASP C 151 21.76 16.78 9.56
CA ASP C 151 22.51 16.90 10.82
C ASP C 151 23.06 15.58 11.43
N PRO C 152 24.35 15.38 11.42
CA PRO C 152 24.87 14.06 11.72
C PRO C 152 24.60 13.63 13.16
N MET C 153 24.31 14.60 14.04
CA MET C 153 24.18 14.35 15.49
C MET C 153 22.87 13.65 15.88
N VAL C 154 21.84 13.74 15.05
CA VAL C 154 20.63 13.01 15.33
C VAL C 154 20.68 11.50 14.95
N LEU C 155 21.67 11.08 14.15
CA LEU C 155 21.66 9.71 13.60
C LEU C 155 21.85 8.58 14.58
N PRO C 156 22.85 8.72 15.47
CA PRO C 156 23.00 7.69 16.47
C PRO C 156 21.82 7.72 17.43
N GLN C 157 21.19 8.89 17.61
CA GLN C 157 19.99 8.96 18.46
C GLN C 157 18.88 8.22 17.83
N ALA C 158 18.73 8.43 16.50
CA ALA C 158 17.66 7.68 15.75
C ALA C 158 17.92 6.14 15.81
N GLU C 159 19.21 5.73 15.61
CA GLU C 159 19.58 4.34 15.63
C GLU C 159 19.22 3.76 16.97
N ALA C 160 19.63 4.40 18.05
CA ALA C 160 19.27 3.91 19.39
C ALA C 160 17.73 3.89 19.62
N ASN C 161 16.99 4.91 19.18
CA ASN C 161 15.56 4.79 19.31
C ASN C 161 15.01 3.64 18.50
N ALA C 162 15.55 3.41 17.29
CA ALA C 162 15.07 2.28 16.52
C ALA C 162 15.27 0.92 17.30
N LYS C 163 16.35 0.83 18.05
CA LYS C 163 16.76 -0.36 18.70
C LYS C 163 15.82 -0.65 19.87
N ARG C 164 15.50 0.39 20.66
CA ARG C 164 14.59 0.29 21.76
C ARG C 164 13.22 -0.14 21.28
N ASN C 165 12.85 0.14 20.05
CA ASN C 165 11.53 -0.20 19.57
C ASN C 165 11.43 -1.51 18.77
N GLY C 166 12.52 -2.20 18.57
CA GLY C 166 12.41 -3.48 17.94
C GLY C 166 12.15 -3.41 16.46
N VAL C 167 12.63 -2.35 15.82
CA VAL C 167 12.44 -2.21 14.39
C VAL C 167 13.76 -1.71 13.81
N ARG C 168 13.90 -1.74 12.48
CA ARG C 168 15.10 -1.28 11.70
C ARG C 168 15.09 -0.49 10.34
N PRO C 169 14.77 0.78 10.30
CA PRO C 169 14.76 1.67 9.24
C PRO C 169 16.22 1.83 8.78
N ARG C 170 16.65 2.21 7.54
CA ARG C 170 18.03 2.64 7.20
C ARG C 170 18.08 4.12 7.90
N PHE C 171 19.25 4.55 8.44
CA PHE C 171 19.39 5.96 8.71
C PHE C 171 20.56 6.34 7.93
N LEU C 172 20.44 7.44 7.22
CA LEU C 172 21.67 8.11 6.77
C LEU C 172 21.74 9.60 6.80
N GLU C 173 22.97 10.08 6.69
CA GLU C 173 23.19 11.51 6.67
C GLU C 173 22.92 12.05 5.28
N GLY C 174 22.22 13.20 5.19
CA GLY C 174 22.14 13.94 3.90
C GLY C 174 20.73 14.33 3.75
N SER C 175 20.33 14.64 2.51
CA SER C 175 18.92 15.05 2.24
C SER C 175 18.24 14.25 1.15
N LEU C 176 17.22 14.81 0.52
CA LEU C 176 16.56 14.22 -0.59
C LEU C 176 17.52 13.67 -1.59
N GLU C 177 18.58 14.36 -1.93
CA GLU C 177 19.59 13.87 -2.93
C GLU C 177 20.23 12.56 -2.47
N ALA C 178 20.55 12.47 -1.18
CA ALA C 178 21.15 11.28 -0.64
C ALA C 178 20.17 10.12 -0.66
N ALA C 179 18.88 10.39 -0.50
CA ALA C 179 17.91 9.33 -0.50
C ALA C 179 17.62 8.73 -1.90
N LEU C 180 17.87 9.48 -2.96
CA LEU C 180 17.51 8.99 -4.31
C LEU C 180 17.86 7.57 -4.64
N PRO C 181 19.11 7.15 -4.38
CA PRO C 181 19.57 5.85 -4.85
C PRO C 181 18.92 4.67 -4.07
N PHE C 182 18.22 4.98 -2.98
CA PHE C 182 17.53 3.98 -2.17
C PHE C 182 16.09 3.89 -2.54
N GLY C 183 15.71 4.80 -3.42
CA GLY C 183 14.32 5.00 -3.82
C GLY C 183 14.10 4.25 -5.10
N PRO C 184 13.04 4.61 -5.81
CA PRO C 184 12.07 5.60 -5.42
C PRO C 184 11.09 5.02 -4.36
N PHE C 185 10.36 5.91 -3.73
CA PHE C 185 9.52 5.64 -2.59
C PHE C 185 8.01 5.73 -2.93
N ASP C 186 7.24 4.96 -2.15
CA ASP C 186 5.76 4.95 -2.19
C ASP C 186 5.20 6.11 -1.31
N LEU C 187 5.92 6.46 -0.23
N LEU C 187 5.98 6.52 -0.32
CA LEU C 187 5.43 7.50 0.67
CA LEU C 187 5.47 7.49 0.64
C LEU C 187 6.58 8.36 1.16
C LEU C 187 6.60 8.37 1.17
N LEU C 188 6.37 9.70 1.14
CA LEU C 188 7.34 10.65 1.71
C LEU C 188 6.67 11.31 2.88
N VAL C 189 7.27 11.28 4.08
CA VAL C 189 6.73 12.09 5.17
C VAL C 189 7.77 13.09 5.66
N ALA C 190 7.41 14.34 5.83
CA ALA C 190 8.42 15.31 6.06
C ALA C 190 7.95 16.39 7.07
N ASN C 191 8.52 16.36 8.28
CA ASN C 191 8.16 17.36 9.23
C ASN C 191 9.22 18.43 9.15
N LEU C 192 9.03 19.43 8.30
CA LEU C 192 10.09 20.47 8.12
C LEU C 192 9.47 21.85 8.33
N TYR C 193 9.56 22.75 7.34
CA TYR C 193 8.89 24.05 7.52
C TYR C 193 8.42 24.51 6.13
N ALA C 194 7.47 25.44 6.12
CA ALA C 194 6.76 25.77 4.88
C ALA C 194 7.73 26.15 3.71
N GLU C 195 8.68 27.04 4.00
CA GLU C 195 9.61 27.52 3.02
C GLU C 195 10.43 26.37 2.48
N LEU C 196 10.71 25.36 3.27
CA LEU C 196 11.64 24.32 2.79
C LEU C 196 10.90 23.40 1.85
N HIS C 197 9.66 23.09 2.22
CA HIS C 197 8.81 22.30 1.35
C HIS C 197 8.60 23.01 0.00
N ALA C 198 8.29 24.30 0.02
CA ALA C 198 8.09 25.06 -1.23
C ALA C 198 9.30 24.92 -2.17
N ALA C 199 10.50 24.92 -1.61
CA ALA C 199 11.73 24.93 -2.36
C ALA C 199 12.03 23.54 -2.89
N LEU C 200 11.50 22.52 -2.20
CA LEU C 200 11.79 21.14 -2.49
C LEU C 200 10.64 20.43 -3.23
N ALA C 201 9.53 21.13 -3.40
CA ALA C 201 8.37 20.51 -4.06
C ALA C 201 8.67 19.78 -5.36
N PRO C 202 9.44 20.40 -6.29
CA PRO C 202 9.79 19.68 -7.53
C PRO C 202 10.64 18.43 -7.31
N ARG C 203 11.47 18.43 -6.27
CA ARG C 203 12.32 17.29 -5.96
C ARG C 203 11.52 16.22 -5.22
N TYR C 204 10.48 16.63 -4.48
CA TYR C 204 9.59 15.67 -3.87
C TYR C 204 8.94 14.82 -4.97
N ARG C 205 8.64 15.45 -6.12
CA ARG C 205 8.03 14.67 -7.20
C ARG C 205 8.98 13.62 -7.82
N GLU C 206 10.26 13.98 -8.03
CA GLU C 206 11.28 12.97 -8.41
C GLU C 206 11.38 11.68 -7.52
N ALA C 207 11.09 11.84 -6.24
CA ALA C 207 11.47 10.83 -5.27
C ALA C 207 10.36 9.79 -5.09
N LEU C 208 9.19 10.05 -5.67
CA LEU C 208 7.97 9.27 -5.38
C LEU C 208 7.48 8.57 -6.63
N VAL C 209 7.05 7.32 -6.49
CA VAL C 209 6.55 6.60 -7.68
C VAL C 209 5.16 7.22 -8.01
N PRO C 210 4.69 7.11 -9.27
CA PRO C 210 3.29 7.48 -9.59
C PRO C 210 2.41 6.65 -8.67
N GLY C 211 1.47 7.31 -7.99
CA GLY C 211 0.58 6.63 -7.09
C GLY C 211 1.04 6.99 -5.69
N GLY C 212 2.28 7.52 -5.55
CA GLY C 212 2.79 7.72 -4.23
C GLY C 212 2.19 8.91 -3.51
N ARG C 213 2.53 9.05 -2.21
CA ARG C 213 2.04 10.08 -1.32
C ARG C 213 3.10 10.99 -0.65
N ALA C 214 2.76 12.24 -0.48
CA ALA C 214 3.64 13.17 0.22
C ALA C 214 2.84 13.66 1.41
N LEU C 215 3.38 13.52 2.62
CA LEU C 215 2.71 14.05 3.78
C LEU C 215 3.57 15.14 4.36
N LEU C 216 3.23 16.42 4.12
CA LEU C 216 4.10 17.53 4.59
C LEU C 216 3.54 18.25 5.82
N THR C 217 4.42 18.52 6.77
CA THR C 217 4.03 19.22 7.96
C THR C 217 5.13 20.04 8.52
N GLY C 218 4.99 20.50 9.75
CA GLY C 218 5.94 21.51 10.34
C GLY C 218 5.52 22.86 9.74
N ILE C 219 4.30 22.93 9.22
CA ILE C 219 3.83 24.04 8.42
C ILE C 219 2.98 24.98 9.29
N LEU C 220 3.46 26.21 9.52
CA LEU C 220 2.64 27.22 10.21
C LEU C 220 1.39 27.47 9.37
N LYS C 221 0.25 27.52 10.04
CA LYS C 221 -0.99 27.77 9.27
C LYS C 221 -0.96 28.95 8.27
N ASP C 222 -0.39 30.09 8.63
CA ASP C 222 -0.50 31.19 7.65
C ASP C 222 0.60 31.14 6.56
N ARG C 223 1.56 30.22 6.71
CA ARG C 223 2.59 30.01 5.68
C ARG C 223 2.22 28.88 4.69
N ALA C 224 1.03 28.29 4.86
CA ALA C 224 0.65 27.12 4.13
C ALA C 224 0.42 27.36 2.63
N PRO C 225 -0.15 28.51 2.26
CA PRO C 225 -0.38 28.75 0.81
C PRO C 225 0.87 28.64 -0.04
N LEU C 226 2.02 28.95 0.57
CA LEU C 226 3.33 28.72 -0.01
C LEU C 226 3.50 27.31 -0.49
N VAL C 227 3.18 26.38 0.42
CA VAL C 227 3.28 24.95 0.17
C VAL C 227 2.21 24.50 -0.84
N ARG C 228 0.99 25.03 -0.73
CA ARG C 228 -0.11 24.65 -1.62
C ARG C 228 0.22 24.96 -3.08
N GLU C 229 0.73 26.18 -3.31
CA GLU C 229 1.14 26.64 -4.63
C GLU C 229 2.31 25.81 -5.18
N ALA C 230 3.33 25.63 -4.36
CA ALA C 230 4.50 24.93 -4.76
C ALA C 230 4.14 23.50 -5.21
N MET C 231 3.35 22.74 -4.40
CA MET C 231 2.94 21.40 -4.78
C MET C 231 1.99 21.34 -5.96
N ALA C 232 1.00 22.23 -5.98
CA ALA C 232 0.09 22.32 -7.15
C ALA C 232 0.95 22.39 -8.45
N GLY C 233 2.01 23.19 -8.39
CA GLY C 233 2.88 23.38 -9.51
C GLY C 233 3.72 22.17 -9.82
N ALA C 234 4.25 21.52 -8.81
CA ALA C 234 5.04 20.33 -9.05
C ALA C 234 4.13 19.16 -9.43
N GLY C 235 2.84 19.40 -9.64
CA GLY C 235 2.02 18.31 -10.22
C GLY C 235 1.28 17.44 -9.21
N PHE C 236 1.41 17.76 -7.95
CA PHE C 236 0.73 16.97 -7.02
C PHE C 236 -0.74 17.33 -7.03
N ARG C 237 -1.55 16.34 -6.64
CA ARG C 237 -2.95 16.59 -6.40
C ARG C 237 -3.29 16.52 -4.91
N PRO C 238 -4.06 17.48 -4.38
CA PRO C 238 -4.25 17.63 -2.92
C PRO C 238 -5.18 16.60 -2.29
N LEU C 239 -4.78 16.04 -1.15
CA LEU C 239 -5.64 15.13 -0.38
C LEU C 239 -6.14 15.91 0.86
N GLU C 240 -6.25 15.33 2.04
CA GLU C 240 -6.83 16.06 3.13
C GLU C 240 -5.80 17.08 3.67
N GLU C 241 -6.26 18.09 4.43
CA GLU C 241 -5.37 18.86 5.30
C GLU C 241 -5.75 18.56 6.72
N ALA C 242 -4.82 18.77 7.64
CA ALA C 242 -5.08 18.46 9.05
C ALA C 242 -4.32 19.50 9.84
N ALA C 243 -5.00 19.95 10.90
CA ALA C 243 -4.61 21.14 11.60
C ALA C 243 -4.64 20.79 13.09
N GLU C 244 -3.65 21.32 13.82
CA GLU C 244 -3.66 21.28 15.26
C GLU C 244 -2.85 22.48 15.79
N GLY C 245 -3.47 23.26 16.69
CA GLY C 245 -2.88 24.52 17.13
C GLY C 245 -2.60 25.44 15.94
N GLU C 246 -1.40 26.02 15.93
CA GLU C 246 -0.97 26.86 14.81
C GLU C 246 -0.39 26.12 13.56
N TRP C 247 -0.72 24.83 13.47
CA TRP C 247 -0.02 23.92 12.53
C TRP C 247 -0.90 23.15 11.57
N VAL C 248 -0.34 22.94 10.38
CA VAL C 248 -0.99 22.07 9.38
C VAL C 248 -0.14 20.98 8.84
N LEU C 249 -0.76 19.86 8.49
CA LEU C 249 -0.15 18.85 7.62
C LEU C 249 -0.95 18.85 6.35
N LEU C 250 -0.22 18.90 5.22
CA LEU C 250 -0.83 18.86 3.88
C LEU C 250 -0.48 17.54 3.19
N ALA C 251 -1.48 16.73 2.83
CA ALA C 251 -1.23 15.47 2.13
C ALA C 251 -1.36 15.68 0.65
N TYR C 252 -0.51 15.01 -0.13
CA TYR C 252 -0.63 15.03 -1.60
C TYR C 252 -0.39 13.65 -2.18
N GLY C 253 -1.03 13.42 -3.33
CA GLY C 253 -0.83 12.21 -4.14
C GLY C 253 -0.12 12.61 -5.42
N ARG C 254 0.79 11.76 -5.89
CA ARG C 254 1.55 12.02 -7.10
C ARG C 254 1.11 11.18 -8.30
N LYS D 1 12.52 23.23 13.79
CA LYS D 1 12.96 23.27 15.19
C LYS D 1 12.74 24.66 15.93
N LYS D 2 11.66 24.73 16.74
CA LYS D 2 11.24 25.96 17.36
C LYS D 2 11.93 26.14 18.69
N VAL D 3 12.59 27.27 18.84
CA VAL D 3 13.37 27.52 20.01
C VAL D 3 12.49 28.25 20.98
N VAL D 4 12.47 27.70 22.20
CA VAL D 4 11.78 28.33 23.33
C VAL D 4 12.72 29.01 24.32
N ALA D 5 14.00 28.66 24.31
CA ALA D 5 14.96 29.24 25.22
C ALA D 5 16.38 28.92 24.78
N VAL D 6 17.33 29.78 25.12
CA VAL D 6 18.75 29.53 24.93
C VAL D 6 19.46 29.96 26.19
N VAL D 7 19.82 29.01 27.03
CA VAL D 7 20.05 29.33 28.43
C VAL D 7 21.54 29.46 28.44
N LYS D 8 22.12 30.53 28.92
CA LYS D 8 23.59 30.56 29.09
C LYS D 8 23.99 30.18 30.52
N LEU D 9 24.68 29.06 30.70
CA LEU D 9 25.25 28.73 32.03
C LEU D 9 26.80 28.79 32.08
N GLN D 10 27.34 28.84 33.31
CA GLN D 10 28.71 28.39 33.56
C GLN D 10 28.73 27.35 34.65
N LEU D 11 29.39 26.25 34.37
CA LEU D 11 29.45 25.15 35.32
C LEU D 11 30.89 24.69 35.41
N PRO D 12 31.29 24.12 36.55
CA PRO D 12 32.65 23.59 36.55
C PRO D 12 32.59 22.29 35.84
N ALA D 13 33.55 22.06 34.96
CA ALA D 13 33.75 20.75 34.30
C ALA D 13 33.41 19.51 35.17
N GLY D 14 32.63 18.61 34.59
CA GLY D 14 32.29 17.35 35.23
C GLY D 14 31.51 17.51 36.53
N LYS D 15 30.99 18.69 36.76
CA LYS D 15 30.18 18.83 37.95
C LYS D 15 28.74 19.29 37.74
N ALA D 16 28.11 18.98 36.63
CA ALA D 16 26.73 19.40 36.63
C ALA D 16 25.84 18.48 37.49
N THR D 17 24.73 19.03 37.99
CA THR D 17 23.79 18.23 38.76
C THR D 17 22.39 18.67 38.41
N PRO D 18 21.38 17.91 38.85
CA PRO D 18 19.99 18.34 38.69
C PRO D 18 19.56 19.48 39.66
N ALA D 19 20.46 19.92 40.50
CA ALA D 19 20.17 21.03 41.39
C ALA D 19 20.45 22.35 40.61
N PRO D 20 20.07 23.48 41.19
CA PRO D 20 20.32 24.68 40.48
C PRO D 20 21.81 24.96 40.18
N PRO D 21 22.10 25.51 38.99
CA PRO D 21 21.18 26.08 37.98
C PRO D 21 20.55 25.10 36.98
N VAL D 22 21.19 23.97 36.73
CA VAL D 22 20.71 23.06 35.71
C VAL D 22 19.25 22.68 35.94
N GLY D 23 18.90 22.27 37.16
CA GLY D 23 17.50 21.87 37.45
C GLY D 23 16.43 22.85 37.02
N PRO D 24 16.37 24.01 37.65
CA PRO D 24 15.35 25.00 37.19
C PRO D 24 15.58 25.49 35.75
N ALA D 25 16.84 25.67 35.31
CA ALA D 25 17.06 26.39 34.06
C ALA D 25 16.58 25.60 32.83
N LEU D 26 16.64 24.27 32.91
CA LEU D 26 16.18 23.38 31.89
C LEU D 26 14.79 22.92 32.23
N GLY D 27 14.53 22.70 33.52
CA GLY D 27 13.29 22.12 33.99
C GLY D 27 12.11 23.02 33.63
N GLN D 28 12.31 24.34 33.61
CA GLN D 28 11.21 25.26 33.27
C GLN D 28 10.81 25.02 31.82
N HIS D 29 11.67 24.38 31.04
CA HIS D 29 11.27 24.10 29.68
C HIS D 29 10.97 22.69 29.33
N GLY D 30 10.78 21.86 30.34
CA GLY D 30 10.55 20.49 30.03
C GLY D 30 11.74 19.68 29.53
N ALA D 31 12.89 20.30 29.19
CA ALA D 31 14.06 19.51 28.76
C ALA D 31 14.51 18.45 29.81
N ASN D 32 15.02 17.32 29.32
CA ASN D 32 15.46 16.21 30.14
C ASN D 32 16.78 16.58 30.81
N ILE D 33 16.72 17.06 32.07
CA ILE D 33 17.84 17.49 32.89
C ILE D 33 18.89 16.41 32.96
N MET D 34 18.46 15.20 33.29
CA MET D 34 19.41 14.17 33.55
C MET D 34 20.16 13.76 32.28
N GLU D 35 19.56 13.97 31.11
CA GLU D 35 20.32 13.86 29.86
C GLU D 35 21.44 14.88 29.84
N PHE D 36 21.13 16.12 30.21
CA PHE D 36 22.12 17.21 30.09
C PHE D 36 23.33 16.94 30.99
N VAL D 37 23.00 16.67 32.25
CA VAL D 37 23.94 16.32 33.28
C VAL D 37 24.91 15.27 32.73
N ALA D 38 24.36 14.17 32.24
CA ALA D 38 25.24 13.06 31.78
C ALA D 38 26.02 13.45 30.55
N ALA D 39 25.37 14.15 29.60
CA ALA D 39 26.01 14.61 28.35
C ALA D 39 27.10 15.67 28.58
N PHE D 40 26.83 16.60 29.51
CA PHE D 40 27.81 17.65 29.85
C PHE D 40 28.96 17.11 30.69
N ASN D 41 28.59 16.25 31.64
CA ASN D 41 29.59 15.63 32.49
C ASN D 41 30.57 14.74 31.72
N ALA D 42 30.15 14.24 30.56
CA ALA D 42 31.09 13.41 29.80
C ALA D 42 31.90 14.23 28.80
N ALA D 43 31.36 15.34 28.30
CA ALA D 43 32.03 16.16 27.28
C ALA D 43 33.16 17.01 27.86
N THR D 44 33.09 17.18 29.19
CA THR D 44 33.99 18.06 29.97
C THR D 44 34.83 17.29 31.01
N ALA D 45 34.79 15.94 30.94
CA ALA D 45 35.65 15.04 31.79
C ALA D 45 37.16 15.21 31.54
N ASN D 46 37.53 15.72 30.37
CA ASN D 46 38.94 16.06 30.15
C ASN D 46 39.40 17.43 30.61
N MET D 47 38.46 18.34 30.88
CA MET D 47 38.83 19.71 31.26
C MET D 47 39.37 19.85 32.70
N GLY D 48 39.28 18.77 33.48
CA GLY D 48 39.80 18.74 34.84
C GLY D 48 38.92 19.55 35.80
N ASP D 49 39.46 20.69 36.27
CA ASP D 49 38.75 21.62 37.17
C ASP D 49 38.31 22.95 36.45
N ALA D 50 38.25 22.99 35.12
CA ALA D 50 37.90 24.25 34.41
C ALA D 50 36.45 24.76 34.59
N ILE D 51 36.29 26.08 34.46
CA ILE D 51 34.99 26.69 34.35
C ILE D 51 34.56 26.52 32.86
N VAL D 52 33.36 25.97 32.62
CA VAL D 52 32.95 25.74 31.25
C VAL D 52 31.68 26.49 30.95
N PRO D 53 31.76 27.53 30.10
CA PRO D 53 30.52 28.17 29.68
C PRO D 53 29.80 27.20 28.73
N VAL D 54 28.48 27.06 28.91
CA VAL D 54 27.69 26.16 28.13
C VAL D 54 26.42 26.91 27.68
N GLU D 55 26.02 26.69 26.43
CA GLU D 55 24.80 27.31 25.93
C GLU D 55 23.77 26.24 25.59
N ILE D 56 22.65 26.16 26.33
CA ILE D 56 21.66 25.03 26.05
C ILE D 56 20.47 25.60 25.27
N THR D 57 20.29 25.10 24.05
CA THR D 57 19.22 25.53 23.19
C THR D 57 18.00 24.56 23.37
N ILE D 58 16.81 25.06 23.73
CA ILE D 58 15.74 24.14 24.06
C ILE D 58 14.63 24.40 23.07
N TYR D 59 14.01 23.32 22.56
CA TYR D 59 13.06 23.39 21.47
C TYR D 59 11.65 23.20 21.99
N ALA D 60 10.65 23.40 21.12
CA ALA D 60 9.28 23.41 21.56
C ALA D 60 8.79 22.02 22.02
N ASP D 61 9.43 20.94 21.61
CA ASP D 61 8.92 19.64 21.93
C ASP D 61 9.74 19.03 23.07
N ARG D 62 10.46 19.86 23.80
CA ARG D 62 11.27 19.41 24.95
C ARG D 62 12.68 18.96 24.58
N SER D 63 12.96 18.70 23.29
CA SER D 63 14.36 18.34 22.88
C SER D 63 15.33 19.54 23.09
N PHE D 64 16.61 19.27 23.29
CA PHE D 64 17.57 20.33 23.45
C PHE D 64 18.87 19.98 22.78
N THR D 65 19.80 20.90 22.84
CA THR D 65 21.10 20.74 22.20
C THR D 65 21.97 21.74 22.93
N PHE D 66 23.20 21.32 23.19
CA PHE D 66 24.13 22.13 23.94
C PHE D 66 25.56 22.23 23.35
N VAL D 67 26.13 23.43 23.43
CA VAL D 67 27.48 23.72 22.95
C VAL D 67 28.31 24.22 24.11
N THR D 68 29.51 23.65 24.31
CA THR D 68 30.45 24.25 25.28
C THR D 68 31.48 25.18 24.67
N LYS D 69 31.75 26.26 25.41
CA LYS D 69 32.66 27.31 25.01
C LYS D 69 34.05 27.13 25.58
N THR D 70 34.99 27.86 24.97
CA THR D 70 36.34 28.05 25.55
C THR D 70 36.27 28.76 26.93
N PRO D 71 37.09 28.30 27.92
CA PRO D 71 37.05 28.98 29.23
C PRO D 71 37.23 30.52 29.11
N PRO D 72 36.63 31.30 30.04
CA PRO D 72 36.67 32.76 29.78
C PRO D 72 38.00 33.37 30.18
N ALA D 73 38.42 34.37 29.38
CA ALA D 73 39.62 35.20 29.61
C ALA D 73 40.20 35.07 31.04
N SER D 74 39.39 35.56 31.99
CA SER D 74 39.64 35.48 33.42
C SER D 74 40.34 34.22 33.95
N TYR D 75 39.69 33.05 33.90
CA TYR D 75 40.19 31.91 34.68
C TYR D 75 41.57 31.56 34.14
N LEU D 76 41.69 31.70 32.82
CA LEU D 76 42.91 31.34 32.03
C LEU D 76 44.07 32.35 32.14
N ILE D 77 43.75 33.50 32.73
CA ILE D 77 44.74 34.50 33.14
C ILE D 77 45.46 34.08 34.45
N ARG D 78 44.71 33.86 35.54
CA ARG D 78 45.28 33.29 36.76
C ARG D 78 46.09 31.99 36.54
N ILE D 98 51.86 38.14 37.49
CA ILE D 98 52.61 38.70 36.37
C ILE D 98 52.50 37.86 35.09
N THR D 99 52.03 38.49 34.00
CA THR D 99 51.95 37.81 32.70
C THR D 99 52.71 38.54 31.59
N TRP D 100 53.47 37.78 30.81
CA TRP D 100 54.36 38.34 29.78
C TRP D 100 53.62 38.66 28.45
N GLU D 101 54.24 38.34 27.32
CA GLU D 101 53.62 38.66 26.02
C GLU D 101 52.83 37.48 25.43
N GLN D 102 52.69 36.40 26.20
CA GLN D 102 51.93 35.24 25.77
C GLN D 102 50.41 35.49 25.86
N VAL D 103 50.07 36.74 26.18
CA VAL D 103 48.69 37.21 26.06
C VAL D 103 48.32 37.15 24.57
N LEU D 104 49.32 37.27 23.71
CA LEU D 104 49.11 36.90 22.32
C LEU D 104 48.58 35.45 22.26
N GLU D 105 49.33 34.50 22.82
CA GLU D 105 48.85 33.13 22.97
C GLU D 105 47.39 33.09 23.45
N ILE D 106 47.03 34.07 24.27
CA ILE D 106 45.68 34.17 24.82
C ILE D 106 44.99 35.41 24.21
N ALA D 107 45.16 35.54 22.88
CA ALA D 107 44.58 36.68 22.16
C ALA D 107 43.75 36.27 20.93
N LYS D 108 44.41 35.95 19.81
CA LYS D 108 43.68 35.47 18.63
C LYS D 108 43.08 34.05 18.81
N GLN D 109 43.38 33.45 19.97
CA GLN D 109 42.70 32.24 20.45
C GLN D 109 41.22 32.56 20.66
N LYS D 110 41.00 33.65 21.41
CA LYS D 110 39.66 34.09 21.84
C LYS D 110 38.73 34.59 20.72
N MET D 111 38.89 35.87 20.36
CA MET D 111 38.05 36.47 19.33
C MET D 111 37.14 35.38 18.79
N PRO D 112 37.76 34.27 18.31
CA PRO D 112 37.01 33.17 17.69
C PRO D 112 35.99 32.56 18.65
N LEU D 119 42.62 40.65 17.39
CA LEU D 119 44.02 40.99 17.61
C LEU D 119 44.18 41.97 18.77
N GLU D 120 44.81 43.11 18.48
CA GLU D 120 45.14 44.09 19.52
C GLU D 120 43.91 44.62 20.27
N ALA D 121 42.89 45.05 19.52
CA ALA D 121 41.68 45.65 20.09
C ALA D 121 41.28 45.09 21.47
N ALA D 122 41.11 43.76 21.55
CA ALA D 122 40.80 43.09 22.82
C ALA D 122 42.07 42.53 23.45
N ALA D 123 43.08 42.35 22.61
CA ALA D 123 44.38 41.90 23.05
C ALA D 123 45.00 42.84 24.10
N ARG D 124 44.28 43.90 24.45
CA ARG D 124 44.80 44.97 25.35
C ARG D 124 44.12 44.98 26.72
N MET D 125 42.89 45.55 26.72
CA MET D 125 42.02 45.54 27.88
C MET D 125 42.30 44.28 28.72
N ILE D 126 42.40 43.14 28.04
CA ILE D 126 42.71 41.84 28.65
C ILE D 126 43.29 41.95 30.06
N ALA D 127 44.56 42.37 30.12
CA ALA D 127 45.31 42.54 31.38
C ALA D 127 44.86 43.74 32.22
N GLY D 128 44.94 44.94 31.63
CA GLY D 128 44.57 46.17 32.34
C GLY D 128 43.62 45.85 33.50
N SER D 129 43.00 44.69 33.42
CA SER D 129 42.23 44.15 34.53
C SER D 129 42.96 42.88 34.95
N ALA D 130 43.73 42.32 34.01
CA ALA D 130 44.60 41.19 34.30
C ALA D 130 45.51 41.60 35.46
N ARG D 131 45.76 42.91 35.55
CA ARG D 131 46.19 43.53 36.79
C ARG D 131 44.88 43.92 37.45
N SER D 132 44.09 44.70 36.71
CA SER D 132 42.75 45.09 37.13
C SER D 132 41.91 43.84 37.46
N MET D 133 42.61 42.82 38.00
CA MET D 133 41.95 41.66 38.60
C MET D 133 42.68 41.16 39.85
N GLY D 134 44.01 41.36 39.93
CA GLY D 134 44.81 41.94 38.85
C GLY D 134 46.31 41.79 39.19
N VAL D 135 47.12 41.65 38.12
CA VAL D 135 48.61 41.66 38.20
C VAL D 135 49.28 42.15 36.89
N GLU D 136 50.38 41.49 36.52
CA GLU D 136 51.32 42.02 35.52
C GLU D 136 50.85 42.10 34.06
N VAL D 137 51.75 42.61 33.21
CA VAL D 137 51.58 42.79 31.77
C VAL D 137 52.93 43.30 31.23
N VAL D 138 53.24 43.04 29.96
CA VAL D 138 54.49 43.60 29.36
C VAL D 138 54.35 45.10 29.04
N GLY D 139 55.05 45.55 28.00
CA GLY D 139 55.04 46.96 27.59
C GLY D 139 54.12 47.32 26.43
N ALA D 140 54.17 46.52 25.35
CA ALA D 140 53.31 46.73 24.18
C ALA D 140 53.15 48.23 23.84
N MET E 1 17.96 15.94 -47.51
CA MET E 1 17.49 14.54 -47.84
C MET E 1 16.94 14.38 -49.27
N TRP E 2 17.23 13.22 -49.83
CA TRP E 2 16.89 12.86 -51.20
C TRP E 2 16.10 11.57 -51.10
N VAL E 3 15.20 11.36 -52.07
CA VAL E 3 14.55 10.05 -52.23
C VAL E 3 15.01 9.28 -53.46
N TYR E 4 15.38 8.01 -53.27
CA TYR E 4 15.61 7.11 -54.41
C TYR E 4 14.33 6.38 -54.74
N ARG E 5 13.65 6.89 -55.75
CA ARG E 5 12.38 6.36 -56.13
C ARG E 5 12.60 5.11 -56.96
N LEU E 6 12.07 4.02 -56.44
CA LEU E 6 12.12 2.75 -57.13
C LEU E 6 10.71 2.44 -57.57
N LYS E 7 10.53 1.35 -58.31
CA LYS E 7 9.18 1.00 -58.68
C LYS E 7 8.85 -0.50 -58.59
N GLY E 8 7.65 -0.73 -58.03
CA GLY E 8 7.18 -2.02 -57.53
C GLY E 8 6.82 -1.96 -56.05
N THR E 9 6.54 -3.13 -55.51
CA THR E 9 6.17 -3.29 -54.12
C THR E 9 7.18 -4.18 -53.39
N LEU E 10 7.58 -3.77 -52.19
CA LEU E 10 8.32 -4.65 -51.24
C LEU E 10 7.89 -6.15 -51.27
N GLU E 11 6.67 -6.40 -51.75
CA GLU E 11 6.21 -7.75 -52.05
C GLU E 11 7.20 -8.47 -52.94
N ALA E 12 7.51 -7.88 -54.08
CA ALA E 12 8.38 -8.55 -55.05
C ALA E 12 9.77 -7.92 -55.20
N LEU E 13 10.07 -6.89 -54.39
CA LEU E 13 11.42 -6.27 -54.38
C LEU E 13 12.36 -6.69 -53.18
N ASP E 14 11.87 -7.63 -52.33
CA ASP E 14 12.70 -8.36 -51.33
C ASP E 14 14.22 -8.45 -51.68
N PRO E 15 14.58 -9.04 -52.86
CA PRO E 15 15.97 -9.29 -53.25
C PRO E 15 16.96 -8.11 -53.19
N ILE E 16 16.47 -6.91 -53.45
CA ILE E 16 17.34 -5.73 -53.61
C ILE E 16 17.25 -4.69 -52.47
N LEU E 17 16.58 -5.06 -51.39
CA LEU E 17 16.51 -4.20 -50.20
C LEU E 17 17.70 -4.33 -49.20
N PRO E 18 18.23 -5.58 -49.00
CA PRO E 18 19.44 -5.64 -48.16
C PRO E 18 20.60 -4.81 -48.74
N GLY E 19 20.86 -4.96 -50.04
CA GLY E 19 21.81 -4.09 -50.75
C GLY E 19 21.43 -2.62 -50.60
N LEU E 20 20.16 -2.30 -50.85
CA LEU E 20 19.63 -0.93 -50.82
C LEU E 20 19.88 -0.17 -49.49
N PHE E 21 19.77 -0.97 -48.38
CA PHE E 21 20.15 -0.43 -47.07
C PHE E 21 21.64 -0.10 -46.97
N ASP E 22 22.52 -1.04 -47.33
CA ASP E 22 23.94 -0.71 -47.50
C ASP E 22 24.15 0.54 -48.39
N GLY E 23 25.16 1.39 -47.98
CA GLY E 23 25.30 2.74 -48.59
C GLY E 23 24.47 3.86 -47.91
N GLY E 24 23.80 3.54 -46.80
CA GLY E 24 23.11 4.53 -45.97
C GLY E 24 21.70 4.98 -46.37
N ALA E 25 20.87 4.01 -46.80
CA ALA E 25 19.41 4.20 -46.81
C ALA E 25 18.87 4.10 -45.37
N ARG E 26 18.15 5.16 -44.96
CA ARG E 26 17.66 5.28 -43.60
C ARG E 26 16.21 4.80 -43.35
N GLY E 27 15.47 4.49 -44.43
CA GLY E 27 14.12 3.90 -44.32
C GLY E 27 13.36 3.63 -45.61
N LEU E 28 12.38 2.71 -45.57
CA LEU E 28 11.53 2.37 -46.75
C LEU E 28 10.02 2.71 -46.56
N TRP E 29 9.28 2.76 -47.67
CA TRP E 29 7.91 3.27 -47.70
C TRP E 29 7.12 2.83 -48.90
N GLU E 30 6.28 1.80 -48.82
CA GLU E 30 5.44 1.45 -49.99
C GLU E 30 4.40 2.51 -50.37
N ARG E 31 4.39 2.85 -51.65
CA ARG E 31 3.46 3.82 -52.25
C ARG E 31 2.84 3.21 -53.55
N GLU E 32 1.70 3.70 -53.98
CA GLU E 32 1.09 3.23 -55.22
C GLU E 32 2.15 2.81 -56.24
N GLY E 33 2.34 1.50 -56.39
CA GLY E 33 3.19 0.97 -57.45
C GLY E 33 4.68 1.24 -57.27
N GLU E 34 5.04 1.96 -56.21
CA GLU E 34 6.43 2.41 -56.00
C GLU E 34 6.97 2.06 -54.60
N VAL E 35 8.28 2.25 -54.40
CA VAL E 35 8.93 2.20 -53.08
C VAL E 35 9.78 3.46 -53.03
N TRP E 36 9.91 4.10 -51.87
CA TRP E 36 10.83 5.23 -51.69
C TRP E 36 11.90 4.85 -50.66
N ALA E 37 13.17 5.12 -51.02
CA ALA E 37 14.28 4.88 -50.09
C ALA E 37 15.00 6.20 -49.84
N PHE E 38 15.26 6.51 -48.56
CA PHE E 38 15.59 7.89 -48.14
C PHE E 38 17.01 8.07 -47.59
N PHE E 39 17.83 8.83 -48.34
CA PHE E 39 19.24 9.02 -48.02
C PHE E 39 19.54 10.45 -47.57
N PRO E 40 20.61 10.65 -46.76
CA PRO E 40 21.12 12.03 -46.59
C PRO E 40 21.80 12.48 -47.89
N ALA E 41 22.75 11.66 -48.32
CA ALA E 41 23.57 11.86 -49.50
C ALA E 41 23.23 10.79 -50.55
N PRO E 42 23.08 11.20 -51.83
CA PRO E 42 22.86 10.24 -52.91
C PRO E 42 24.14 9.54 -53.37
N VAL E 43 23.96 8.27 -53.76
CA VAL E 43 25.04 7.36 -54.05
C VAL E 43 24.66 6.51 -55.29
N ASP E 44 25.65 6.12 -56.09
CA ASP E 44 25.36 5.39 -57.35
C ASP E 44 24.90 3.93 -57.12
N LEU E 45 23.71 3.62 -57.61
CA LEU E 45 23.10 2.32 -57.37
C LEU E 45 22.86 1.46 -58.63
N PRO E 46 23.11 0.14 -58.52
CA PRO E 46 22.90 -0.80 -59.64
C PRO E 46 21.41 -1.08 -59.93
N TYR E 47 20.52 -0.35 -59.25
CA TYR E 47 19.10 -0.72 -59.18
C TYR E 47 18.14 -0.04 -60.16
N GLU E 48 18.70 0.82 -61.04
CA GLU E 48 17.96 1.46 -62.13
C GLU E 48 16.66 2.10 -61.62
N GLY E 49 16.83 3.16 -60.83
CA GLY E 49 15.73 3.98 -60.31
C GLY E 49 15.98 5.48 -60.46
N VAL E 50 15.15 6.29 -59.80
CA VAL E 50 15.12 7.73 -60.05
C VAL E 50 15.36 8.55 -58.79
N TRP E 51 16.44 9.34 -58.79
CA TRP E 51 16.80 10.25 -57.67
C TRP E 51 16.08 11.60 -57.69
N GLU E 52 15.82 12.16 -56.51
CA GLU E 52 14.99 13.38 -56.37
C GLU E 52 15.16 13.99 -54.96
N GLU E 53 14.90 15.30 -54.82
CA GLU E 53 15.06 16.02 -53.52
C GLU E 53 13.83 16.79 -52.97
N VAL E 54 13.48 16.50 -51.70
CA VAL E 54 12.49 17.25 -50.86
C VAL E 54 13.19 17.97 -49.66
N GLY E 55 12.50 18.94 -49.01
CA GLY E 55 13.06 19.62 -47.79
C GLY E 55 12.01 20.39 -46.98
N ASP E 58 10.80 19.91 -41.05
CA ASP E 58 10.48 19.76 -39.64
C ASP E 58 9.02 19.44 -39.54
N TRP E 59 8.74 18.15 -39.45
CA TRP E 59 7.37 17.64 -39.61
C TRP E 59 6.71 17.40 -38.26
N LEU E 60 7.55 17.25 -37.23
CA LEU E 60 7.14 17.19 -35.84
C LEU E 60 6.22 18.33 -35.45
N GLU E 61 6.32 19.45 -36.18
CA GLU E 61 5.64 20.70 -35.81
C GLU E 61 4.66 21.08 -36.90
N ALA E 62 4.64 20.28 -37.95
CA ALA E 62 3.69 20.43 -39.03
C ALA E 62 2.40 19.74 -38.64
N TRP E 63 2.55 18.61 -37.94
CA TRP E 63 1.43 17.91 -37.32
C TRP E 63 0.87 18.73 -36.10
N ARG E 64 1.74 19.06 -35.10
CA ARG E 64 1.43 20.04 -33.99
C ARG E 64 0.89 21.41 -34.45
N ARG E 65 0.53 21.53 -35.73
CA ARG E 65 0.08 22.80 -36.30
C ARG E 65 -1.36 22.73 -36.79
N ASP E 66 -1.70 21.66 -37.51
CA ASP E 66 -3.07 21.51 -38.02
C ASP E 66 -4.00 20.69 -37.08
N LEU E 67 -3.65 20.67 -35.80
CA LEU E 67 -4.32 19.89 -34.78
C LEU E 67 -4.82 20.89 -33.78
N LYS E 68 -6.11 21.16 -33.85
CA LYS E 68 -6.71 22.25 -33.06
C LYS E 68 -7.57 21.70 -31.92
N PRO E 69 -7.82 22.50 -30.89
CA PRO E 69 -8.74 21.87 -29.92
C PRO E 69 -10.08 21.51 -30.57
N ALA E 70 -10.71 20.45 -30.10
CA ALA E 70 -11.97 19.91 -30.62
C ALA E 70 -13.13 20.28 -29.73
N LEU E 71 -13.99 21.13 -30.24
CA LEU E 71 -15.10 21.70 -29.51
C LEU E 71 -16.36 20.77 -29.59
N ALA E 72 -16.92 20.42 -28.43
CA ALA E 72 -18.05 19.44 -28.32
C ALA E 72 -18.78 19.89 -27.10
N PRO E 73 -19.51 21.02 -27.18
CA PRO E 73 -20.10 21.62 -25.96
C PRO E 73 -20.88 20.63 -25.12
N PRO E 74 -20.72 20.70 -23.77
CA PRO E 74 -19.99 21.72 -22.99
C PRO E 74 -18.51 21.48 -22.86
N PHE E 75 -17.97 20.49 -23.58
CA PHE E 75 -16.55 20.12 -23.49
C PHE E 75 -15.62 20.78 -24.55
N VAL E 76 -14.33 20.66 -24.26
CA VAL E 76 -13.35 20.94 -25.28
C VAL E 76 -12.31 19.84 -25.22
N VAL E 77 -12.07 19.08 -26.31
CA VAL E 77 -11.02 18.08 -26.21
C VAL E 77 -9.64 18.73 -26.62
N LEU E 78 -8.62 18.60 -25.79
CA LEU E 78 -7.38 19.31 -25.96
C LEU E 78 -6.21 18.33 -25.94
N ALA E 79 -5.30 18.50 -26.90
CA ALA E 79 -4.04 17.81 -26.81
C ALA E 79 -3.30 18.44 -25.62
N PRO E 80 -2.33 17.68 -25.04
CA PRO E 80 -1.57 18.14 -23.88
C PRO E 80 -0.91 19.49 -24.03
N TRP E 81 -0.56 19.92 -25.24
CA TRP E 81 0.16 21.18 -25.32
C TRP E 81 -0.76 22.38 -25.62
N HIS E 82 -2.06 22.13 -25.89
CA HIS E 82 -3.00 23.21 -26.19
C HIS E 82 -3.26 24.10 -24.99
N THR E 83 -3.89 25.24 -25.20
CA THR E 83 -4.39 26.07 -24.09
C THR E 83 -5.86 26.53 -24.38
N TRP E 84 -6.73 26.58 -23.37
CA TRP E 84 -8.09 27.12 -23.62
C TRP E 84 -8.49 28.38 -22.77
N GLU E 85 -9.25 29.31 -23.37
CA GLU E 85 -9.81 30.44 -22.56
C GLU E 85 -11.20 30.17 -21.98
N GLY E 86 -12.11 29.67 -22.80
CA GLY E 86 -13.55 29.57 -22.44
C GLY E 86 -13.98 28.81 -21.18
N ALA E 87 -15.29 28.85 -20.90
CA ALA E 87 -15.82 28.18 -19.70
C ALA E 87 -15.89 26.69 -19.89
N GLU E 88 -15.63 26.19 -21.11
CA GLU E 88 -15.84 24.79 -21.44
C GLU E 88 -15.10 23.87 -20.50
N ILE E 89 -15.66 22.68 -20.25
CA ILE E 89 -14.96 21.69 -19.42
C ILE E 89 -13.83 21.12 -20.24
N PRO E 90 -12.58 21.20 -19.78
CA PRO E 90 -11.49 20.66 -20.62
C PRO E 90 -11.35 19.17 -20.50
N LEU E 91 -11.17 18.52 -21.63
CA LEU E 91 -10.88 17.09 -21.68
C LEU E 91 -9.49 16.94 -22.36
N VAL E 92 -8.44 16.69 -21.56
CA VAL E 92 -7.07 16.54 -22.08
C VAL E 92 -6.81 15.11 -22.57
N ILE E 93 -6.55 14.95 -23.86
CA ILE E 93 -6.44 13.61 -24.44
C ILE E 93 -5.33 13.66 -25.42
N GLU E 94 -4.30 12.82 -25.25
CA GLU E 94 -3.22 12.80 -26.28
C GLU E 94 -3.63 11.99 -27.47
N PRO E 95 -3.37 12.52 -28.66
CA PRO E 95 -3.66 11.76 -29.84
C PRO E 95 -2.58 10.71 -29.95
N GLY E 96 -2.97 9.46 -29.70
CA GLY E 96 -2.04 8.33 -29.60
C GLY E 96 -2.59 7.11 -30.33
N MET E 97 -2.70 5.99 -29.62
CA MET E 97 -2.93 4.72 -30.28
C MET E 97 -4.26 4.20 -29.79
N ALA E 98 -5.14 5.09 -29.34
CA ALA E 98 -6.47 4.58 -29.02
C ALA E 98 -7.53 5.44 -29.66
N PHE E 99 -8.58 4.89 -30.26
CA PHE E 99 -9.61 5.75 -30.80
C PHE E 99 -10.33 6.62 -29.69
N GLY E 100 -10.67 7.87 -30.02
CA GLY E 100 -11.18 8.74 -29.00
C GLY E 100 -10.36 9.98 -28.78
N THR E 101 -9.71 10.51 -29.83
CA THR E 101 -8.90 11.72 -29.64
C THR E 101 -9.83 12.90 -29.53
N GLY E 102 -11.08 12.73 -29.96
CA GLY E 102 -12.05 13.82 -30.04
C GLY E 102 -12.20 14.29 -31.48
N HIS E 103 -11.33 13.84 -32.37
CA HIS E 103 -11.38 14.39 -33.73
C HIS E 103 -12.21 13.51 -34.63
N HIS E 104 -13.45 13.34 -34.28
CA HIS E 104 -14.35 12.52 -35.06
C HIS E 104 -15.76 12.90 -34.60
N GLU E 105 -16.66 12.89 -35.58
CA GLU E 105 -18.05 13.25 -35.35
C GLU E 105 -18.65 12.32 -34.26
N THR E 106 -18.37 11.02 -34.34
CA THR E 106 -19.05 10.10 -33.40
C THR E 106 -18.69 10.44 -31.99
N THR E 107 -17.41 10.57 -31.67
CA THR E 107 -16.97 10.87 -30.34
C THR E 107 -17.61 12.18 -29.94
N ARG E 108 -17.60 13.21 -30.78
CA ARG E 108 -18.25 14.48 -30.36
C ARG E 108 -19.78 14.43 -30.14
N LEU E 109 -20.52 13.64 -30.90
CA LEU E 109 -21.92 13.41 -30.60
C LEU E 109 -22.09 12.73 -29.24
N ALA E 110 -21.17 11.83 -28.84
CA ALA E 110 -21.38 11.10 -27.59
C ALA E 110 -21.15 12.07 -26.45
N LEU E 111 -20.09 12.90 -26.61
CA LEU E 111 -19.77 13.93 -25.59
C LEU E 111 -20.95 14.85 -25.38
N LYS E 112 -21.63 15.27 -26.45
CA LYS E 112 -22.75 16.22 -26.30
C LYS E 112 -23.97 15.53 -25.78
N ALA E 113 -24.16 14.28 -26.22
CA ALA E 113 -25.24 13.48 -25.64
C ALA E 113 -25.07 13.23 -24.12
N LEU E 114 -23.83 13.15 -23.64
CA LEU E 114 -23.65 12.94 -22.16
C LEU E 114 -24.17 14.09 -21.38
N ALA E 115 -23.91 15.26 -21.92
CA ALA E 115 -24.32 16.43 -21.21
C ALA E 115 -25.84 16.54 -21.14
N ARG E 116 -26.57 16.04 -22.11
CA ARG E 116 -28.04 16.21 -22.15
C ARG E 116 -28.75 15.15 -21.27
N HIS E 117 -28.05 14.03 -20.94
CA HIS E 117 -28.71 12.90 -20.34
C HIS E 117 -28.10 12.49 -19.01
N LEU E 118 -26.81 12.78 -18.76
CA LEU E 118 -26.17 12.26 -17.57
C LEU E 118 -26.63 13.07 -16.37
N ARG E 119 -27.31 12.41 -15.42
CA ARG E 119 -27.69 13.03 -14.19
C ARG E 119 -26.52 12.82 -13.18
N PRO E 120 -26.20 13.84 -12.36
CA PRO E 120 -25.15 13.66 -11.32
C PRO E 120 -25.46 12.45 -10.47
N GLY E 121 -24.49 11.55 -10.34
CA GLY E 121 -24.71 10.37 -9.52
C GLY E 121 -24.91 9.13 -10.39
N ASP E 122 -25.25 9.26 -11.69
CA ASP E 122 -25.61 8.13 -12.48
C ASP E 122 -24.41 7.16 -12.56
N LYS E 123 -24.68 5.85 -12.64
CA LYS E 123 -23.58 4.90 -12.98
C LYS E 123 -23.61 4.76 -14.47
N VAL E 124 -22.43 4.94 -15.07
CA VAL E 124 -22.34 5.06 -16.51
C VAL E 124 -21.50 3.93 -17.04
N LEU E 125 -21.99 3.29 -18.10
CA LEU E 125 -21.16 2.29 -18.77
C LEU E 125 -20.69 2.87 -20.11
N ASP E 126 -19.40 3.13 -20.28
CA ASP E 126 -18.90 3.57 -21.58
C ASP E 126 -18.43 2.30 -22.27
N LEU E 127 -19.27 1.72 -23.14
CA LEU E 127 -18.92 0.43 -23.78
C LEU E 127 -18.07 0.70 -24.99
N GLY E 128 -16.88 0.06 -25.14
CA GLY E 128 -15.95 0.49 -26.17
C GLY E 128 -15.23 1.79 -25.91
N THR E 129 -14.41 1.85 -24.84
CA THR E 129 -13.94 3.11 -24.23
C THR E 129 -12.74 3.70 -24.99
N GLY E 130 -11.87 2.83 -25.55
CA GLY E 130 -10.73 3.30 -26.33
C GLY E 130 -9.82 4.24 -25.55
N SER E 131 -9.73 5.51 -25.94
CA SER E 131 -8.84 6.45 -25.24
C SER E 131 -9.43 6.70 -23.89
N GLY E 132 -10.71 6.37 -23.70
CA GLY E 132 -11.34 6.64 -22.38
C GLY E 132 -12.09 7.97 -22.29
N VAL E 133 -12.03 8.76 -23.38
CA VAL E 133 -12.58 10.09 -23.36
C VAL E 133 -14.01 10.16 -22.76
N LEU E 134 -14.87 9.20 -23.04
CA LEU E 134 -16.26 9.34 -22.66
C LEU E 134 -16.45 8.99 -21.20
N ALA E 135 -15.81 7.92 -20.74
CA ALA E 135 -15.75 7.62 -19.31
C ALA E 135 -15.14 8.80 -18.58
N ILE E 136 -14.10 9.44 -19.14
CA ILE E 136 -13.55 10.63 -18.49
C ILE E 136 -14.58 11.76 -18.45
N ALA E 137 -15.31 11.96 -19.53
CA ALA E 137 -16.31 13.00 -19.63
C ALA E 137 -17.47 12.74 -18.59
N ALA E 138 -17.90 11.47 -18.47
CA ALA E 138 -18.92 11.12 -17.45
C ALA E 138 -18.41 11.46 -16.03
N GLU E 139 -17.10 11.24 -15.77
CA GLU E 139 -16.64 11.58 -14.41
C GLU E 139 -16.71 13.11 -14.26
N LYS E 140 -16.27 13.86 -15.29
CA LYS E 140 -16.36 15.29 -15.18
C LYS E 140 -17.78 15.75 -14.93
N LEU E 141 -18.79 15.08 -15.49
CA LEU E 141 -20.18 15.45 -15.32
C LEU E 141 -20.73 14.90 -14.02
N GLY E 142 -19.93 14.15 -13.25
CA GLY E 142 -20.41 13.79 -11.91
C GLY E 142 -20.97 12.39 -11.94
N GLY E 143 -20.83 11.64 -13.04
CA GLY E 143 -21.30 10.29 -13.13
C GLY E 143 -20.18 9.37 -12.61
N LYS E 144 -20.51 8.09 -12.31
CA LYS E 144 -19.48 7.16 -11.79
C LYS E 144 -19.41 6.14 -12.88
N ALA E 145 -18.29 6.12 -13.57
CA ALA E 145 -18.12 5.51 -14.87
C ALA E 145 -17.31 4.24 -14.84
N LEU E 146 -17.64 3.32 -15.76
CA LEU E 146 -16.83 2.12 -16.00
C LEU E 146 -16.59 2.11 -17.49
N GLY E 147 -15.35 2.05 -17.93
CA GLY E 147 -15.16 1.92 -19.40
C GLY E 147 -14.60 0.57 -19.73
N VAL E 148 -15.22 -0.14 -20.66
CA VAL E 148 -14.70 -1.44 -21.03
C VAL E 148 -14.30 -1.47 -22.49
N ASP E 149 -13.42 -2.42 -22.83
CA ASP E 149 -12.96 -2.62 -24.17
C ASP E 149 -12.46 -4.04 -24.29
N ILE E 150 -12.77 -4.72 -25.40
CA ILE E 150 -12.14 -6.01 -25.73
C ILE E 150 -10.69 -5.92 -26.12
N ASP E 151 -10.25 -4.75 -26.53
CA ASP E 151 -8.90 -4.69 -26.94
C ASP E 151 -8.12 -4.28 -25.73
N PRO E 152 -7.25 -5.16 -25.15
CA PRO E 152 -6.52 -4.78 -23.93
C PRO E 152 -5.46 -3.70 -24.15
N MET E 153 -4.97 -3.56 -25.36
CA MET E 153 -3.94 -2.55 -25.67
C MET E 153 -4.38 -1.09 -25.46
N VAL E 154 -5.66 -0.84 -25.14
CA VAL E 154 -6.19 0.53 -24.98
C VAL E 154 -6.37 0.95 -23.49
N LEU E 155 -6.54 -0.06 -22.64
CA LEU E 155 -6.81 0.21 -21.24
C LEU E 155 -5.64 1.00 -20.59
N PRO E 156 -4.38 0.55 -20.71
CA PRO E 156 -3.39 1.47 -20.13
C PRO E 156 -3.50 2.92 -20.65
N GLN E 157 -3.87 3.05 -21.93
CA GLN E 157 -4.02 4.40 -22.56
C GLN E 157 -5.16 5.15 -21.89
N ALA E 158 -6.28 4.46 -21.67
CA ALA E 158 -7.43 5.04 -21.00
C ALA E 158 -7.04 5.42 -19.56
N GLU E 159 -6.17 4.61 -18.94
CA GLU E 159 -5.77 4.88 -17.54
C GLU E 159 -4.94 6.14 -17.44
N ALA E 160 -3.98 6.27 -18.37
CA ALA E 160 -3.12 7.42 -18.47
C ALA E 160 -3.94 8.68 -18.74
N ASN E 161 -4.94 8.63 -19.61
CA ASN E 161 -5.69 9.83 -19.92
C ASN E 161 -6.53 10.31 -18.73
N ALA E 162 -7.04 9.36 -17.93
CA ALA E 162 -7.91 9.70 -16.80
C ALA E 162 -7.06 10.41 -15.77
N LYS E 163 -5.90 9.83 -15.48
CA LYS E 163 -4.99 10.39 -14.53
C LYS E 163 -4.67 11.83 -14.89
N ARG E 164 -4.51 12.11 -16.18
CA ARG E 164 -4.15 13.47 -16.56
C ARG E 164 -5.37 14.37 -16.57
N ASN E 165 -6.52 13.83 -16.14
CA ASN E 165 -7.73 14.62 -16.05
C ASN E 165 -8.32 14.77 -14.62
N GLY E 166 -7.53 14.33 -13.64
CA GLY E 166 -7.93 14.38 -12.25
C GLY E 166 -9.13 13.54 -11.95
N VAL E 167 -9.43 12.52 -12.77
CA VAL E 167 -10.64 11.73 -12.50
C VAL E 167 -10.26 10.30 -12.39
N ARG E 168 -11.11 9.44 -11.79
CA ARG E 168 -10.82 8.01 -11.75
C ARG E 168 -11.96 7.03 -12.00
N PRO E 169 -12.33 6.82 -13.28
CA PRO E 169 -13.32 5.80 -13.64
C PRO E 169 -12.65 4.51 -13.57
N ARG E 170 -13.41 3.43 -13.43
CA ARG E 170 -12.94 2.07 -13.57
C ARG E 170 -12.70 1.67 -15.01
N PHE E 171 -11.65 0.93 -15.33
CA PHE E 171 -11.52 0.28 -16.65
C PHE E 171 -11.32 -1.19 -16.54
N LEU E 172 -11.73 -1.92 -17.57
CA LEU E 172 -11.95 -3.33 -17.44
C LEU E 172 -11.86 -3.91 -18.86
N GLU E 173 -11.15 -5.03 -19.02
CA GLU E 173 -11.11 -5.69 -20.32
C GLU E 173 -12.35 -6.54 -20.50
N GLY E 174 -13.04 -6.47 -21.65
CA GLY E 174 -14.17 -7.36 -21.96
C GLY E 174 -15.28 -6.55 -22.58
N SER E 175 -16.45 -7.13 -22.74
CA SER E 175 -17.53 -6.40 -23.40
C SER E 175 -18.68 -6.18 -22.42
N LEU E 176 -19.90 -6.13 -22.92
CA LEU E 176 -21.03 -5.87 -22.09
C LEU E 176 -21.21 -6.87 -20.96
N GLU E 177 -20.74 -8.09 -21.14
CA GLU E 177 -20.95 -9.18 -20.15
C GLU E 177 -20.02 -9.11 -18.93
N ALA E 178 -18.83 -8.57 -19.12
CA ALA E 178 -17.91 -8.35 -18.02
C ALA E 178 -18.41 -7.21 -17.15
N ALA E 179 -19.20 -6.30 -17.75
CA ALA E 179 -19.72 -5.13 -17.10
C ALA E 179 -20.93 -5.39 -16.23
N LEU E 180 -21.74 -6.40 -16.59
CA LEU E 180 -22.93 -6.66 -15.77
C LEU E 180 -22.70 -6.76 -14.29
N PRO E 181 -21.70 -7.51 -13.83
CA PRO E 181 -21.51 -7.54 -12.39
C PRO E 181 -21.24 -6.19 -11.72
N PHE E 182 -20.86 -5.14 -12.46
CA PHE E 182 -20.55 -3.82 -11.85
C PHE E 182 -21.78 -2.87 -11.92
N GLY E 183 -22.84 -3.32 -12.57
CA GLY E 183 -24.06 -2.53 -12.72
C GLY E 183 -25.12 -2.99 -11.74
N PRO E 184 -26.39 -2.74 -12.08
CA PRO E 184 -26.84 -2.24 -13.36
C PRO E 184 -26.56 -0.78 -13.48
N PHE E 185 -26.64 -0.19 -14.67
CA PHE E 185 -26.32 1.20 -14.92
C PHE E 185 -27.54 2.08 -15.24
N ASP E 186 -27.30 3.39 -15.09
CA ASP E 186 -28.32 4.39 -15.27
C ASP E 186 -28.18 4.91 -16.69
N LEU E 187 -26.95 4.91 -17.22
CA LEU E 187 -26.69 5.41 -18.54
C LEU E 187 -25.64 4.57 -19.27
N LEU E 188 -25.82 4.43 -20.58
CA LEU E 188 -24.94 3.58 -21.34
C LEU E 188 -24.55 4.34 -22.59
N VAL E 189 -23.25 4.49 -22.84
CA VAL E 189 -22.82 5.22 -24.00
C VAL E 189 -21.91 4.33 -24.78
N ALA E 190 -22.25 4.13 -26.04
CA ALA E 190 -21.53 3.15 -26.88
C ALA E 190 -21.27 3.75 -28.28
N ASN E 191 -20.05 4.18 -28.53
CA ASN E 191 -19.64 4.57 -29.83
C ASN E 191 -18.99 3.33 -30.51
N LEU E 192 -19.80 2.51 -31.14
CA LEU E 192 -19.35 1.26 -31.78
C LEU E 192 -19.75 1.31 -33.25
N TYR E 193 -20.72 0.47 -33.67
CA TYR E 193 -21.18 0.48 -35.06
C TYR E 193 -22.54 -0.21 -35.25
N ALA E 194 -23.24 0.14 -36.34
CA ALA E 194 -24.68 -0.13 -36.36
C ALA E 194 -25.05 -1.59 -36.10
N GLU E 195 -24.41 -2.49 -36.83
CA GLU E 195 -24.72 -3.90 -36.74
C GLU E 195 -24.50 -4.44 -35.30
N LEU E 196 -23.44 -3.95 -34.65
CA LEU E 196 -23.11 -4.45 -33.34
C LEU E 196 -24.20 -4.04 -32.28
N HIS E 197 -24.61 -2.77 -32.34
CA HIS E 197 -25.68 -2.29 -31.48
C HIS E 197 -26.88 -3.18 -31.67
N ALA E 198 -27.22 -3.50 -32.91
CA ALA E 198 -28.39 -4.37 -33.12
C ALA E 198 -28.26 -5.77 -32.45
N ALA E 199 -27.04 -6.30 -32.39
CA ALA E 199 -26.90 -7.60 -31.78
C ALA E 199 -26.97 -7.51 -30.26
N LEU E 200 -26.60 -6.34 -29.75
CA LEU E 200 -26.51 -6.11 -28.29
C LEU E 200 -27.75 -5.49 -27.64
N ALA E 201 -28.73 -5.14 -28.47
CA ALA E 201 -29.87 -4.41 -27.99
C ALA E 201 -30.58 -5.12 -26.83
N PRO E 202 -30.93 -6.41 -26.98
CA PRO E 202 -31.56 -7.01 -25.80
C PRO E 202 -30.63 -7.05 -24.62
N ARG E 203 -29.32 -7.01 -24.86
CA ARG E 203 -28.36 -6.96 -23.75
C ARG E 203 -28.29 -5.56 -23.15
N TYR E 204 -28.40 -4.53 -23.99
CA TYR E 204 -28.46 -3.13 -23.47
C TYR E 204 -29.58 -2.97 -22.49
N ARG E 205 -30.76 -3.58 -22.75
CA ARG E 205 -31.91 -3.55 -21.88
C ARG E 205 -31.48 -4.18 -20.54
N GLU E 206 -30.71 -5.28 -20.55
CA GLU E 206 -30.40 -6.03 -19.29
C GLU E 206 -29.40 -5.28 -18.46
N ALA E 207 -28.63 -4.43 -19.13
CA ALA E 207 -27.62 -3.67 -18.47
C ALA E 207 -28.18 -2.41 -17.73
N LEU E 208 -29.40 -1.98 -18.06
CA LEU E 208 -29.86 -0.68 -17.59
C LEU E 208 -30.97 -0.82 -16.64
N VAL E 209 -30.97 -0.05 -15.55
CA VAL E 209 -32.11 -0.01 -14.63
C VAL E 209 -33.32 0.62 -15.31
N PRO E 210 -34.53 0.30 -14.85
CA PRO E 210 -35.75 1.04 -15.41
C PRO E 210 -35.56 2.57 -15.36
N GLY E 211 -35.84 3.24 -16.47
CA GLY E 211 -35.65 4.68 -16.50
C GLY E 211 -34.27 5.05 -17.05
N GLY E 212 -33.37 4.07 -17.23
CA GLY E 212 -32.03 4.42 -17.64
C GLY E 212 -31.99 4.73 -19.14
N ARG E 213 -30.91 5.29 -19.64
CA ARG E 213 -30.89 5.70 -21.02
C ARG E 213 -29.75 5.05 -21.75
N ALA E 214 -29.85 4.95 -23.09
CA ALA E 214 -28.79 4.32 -23.86
C ALA E 214 -28.45 5.27 -24.90
N LEU E 215 -27.18 5.64 -25.03
CA LEU E 215 -26.77 6.64 -26.08
C LEU E 215 -25.89 5.92 -27.07
N LEU E 216 -26.44 5.65 -28.26
CA LEU E 216 -25.73 4.86 -29.25
C LEU E 216 -25.22 5.71 -30.40
N THR E 217 -23.96 5.56 -30.74
CA THR E 217 -23.43 6.22 -31.92
C THR E 217 -22.40 5.34 -32.67
N GLY E 218 -21.58 5.95 -33.52
CA GLY E 218 -20.79 5.20 -34.47
C GLY E 218 -21.64 4.60 -35.57
N ILE E 219 -22.90 4.99 -35.66
CA ILE E 219 -23.82 4.49 -36.65
C ILE E 219 -23.80 5.33 -37.92
N LEU E 220 -23.60 4.69 -39.06
CA LEU E 220 -23.70 5.38 -40.35
C LEU E 220 -25.17 5.69 -40.58
N LYS E 221 -25.47 6.92 -41.05
CA LYS E 221 -26.80 7.33 -41.43
C LYS E 221 -27.58 6.14 -41.98
N ASP E 222 -27.20 5.59 -43.14
CA ASP E 222 -28.14 4.68 -43.81
C ASP E 222 -28.24 3.28 -43.13
N ARG E 223 -27.53 3.12 -42.03
CA ARG E 223 -27.65 1.89 -41.18
C ARG E 223 -28.48 2.13 -39.89
N ALA E 224 -28.90 3.38 -39.74
CA ALA E 224 -29.71 3.75 -38.64
C ALA E 224 -31.00 2.97 -38.55
N PRO E 225 -31.62 2.56 -39.67
CA PRO E 225 -32.84 1.81 -39.32
C PRO E 225 -32.68 0.46 -38.63
N LEU E 226 -31.61 -0.31 -38.85
CA LEU E 226 -31.57 -1.57 -38.07
C LEU E 226 -31.20 -1.36 -36.61
N VAL E 227 -30.58 -0.24 -36.26
CA VAL E 227 -30.50 0.08 -34.85
C VAL E 227 -31.89 0.47 -34.30
N ARG E 228 -32.64 1.25 -35.06
CA ARG E 228 -33.99 1.68 -34.62
C ARG E 228 -34.93 0.53 -34.34
N GLU E 229 -34.93 -0.42 -35.29
CA GLU E 229 -35.73 -1.64 -35.25
C GLU E 229 -35.25 -2.55 -34.10
N ALA E 230 -33.95 -2.72 -33.97
CA ALA E 230 -33.42 -3.57 -32.92
C ALA E 230 -33.80 -3.07 -31.49
N MET E 231 -33.63 -1.77 -31.29
CA MET E 231 -33.93 -1.13 -30.03
C MET E 231 -35.45 -1.06 -29.77
N ALA E 232 -36.23 -0.98 -30.83
CA ALA E 232 -37.68 -1.04 -30.63
C ALA E 232 -38.04 -2.47 -30.22
N GLY E 233 -37.36 -3.43 -30.85
CA GLY E 233 -37.60 -4.82 -30.58
C GLY E 233 -37.21 -5.12 -29.16
N ALA E 234 -36.14 -4.47 -28.70
CA ALA E 234 -35.68 -4.67 -27.37
C ALA E 234 -36.47 -3.94 -26.29
N GLY E 235 -37.57 -3.27 -26.64
CA GLY E 235 -38.40 -2.59 -25.61
C GLY E 235 -38.05 -1.13 -25.30
N PHE E 236 -37.11 -0.49 -26.00
CA PHE E 236 -36.73 0.93 -25.73
C PHE E 236 -37.70 1.96 -26.29
N ARG E 237 -37.90 3.05 -25.57
CA ARG E 237 -38.60 4.17 -26.11
C ARG E 237 -37.53 5.04 -26.81
N PRO E 238 -37.76 5.48 -28.05
CA PRO E 238 -36.79 6.37 -28.71
C PRO E 238 -36.86 7.78 -28.10
N LEU E 239 -35.71 8.45 -27.98
CA LEU E 239 -35.62 9.86 -27.52
C LEU E 239 -35.09 10.69 -28.72
N GLU E 240 -34.23 11.68 -28.53
CA GLU E 240 -33.77 12.43 -29.69
C GLU E 240 -32.79 11.62 -30.58
N GLU E 241 -32.51 12.16 -31.76
CA GLU E 241 -31.47 11.65 -32.65
C GLU E 241 -30.63 12.85 -32.97
N ALA E 242 -29.33 12.66 -33.09
CA ALA E 242 -28.44 13.77 -33.41
C ALA E 242 -27.55 13.28 -34.49
N ALA E 243 -27.26 14.16 -35.46
CA ALA E 243 -26.44 13.78 -36.62
C ALA E 243 -25.35 14.79 -36.78
N GLU E 244 -24.21 14.35 -37.35
CA GLU E 244 -23.17 15.24 -37.85
C GLU E 244 -22.44 14.48 -38.97
N GLY E 245 -22.30 15.15 -40.12
CA GLY E 245 -21.74 14.55 -41.33
C GLY E 245 -22.50 13.29 -41.61
N GLU E 246 -21.79 12.19 -41.89
CA GLU E 246 -22.52 11.01 -42.20
C GLU E 246 -22.84 10.08 -41.04
N TRP E 247 -22.82 10.56 -39.77
CA TRP E 247 -22.99 9.72 -38.59
C TRP E 247 -24.18 10.16 -37.77
N VAL E 248 -24.82 9.24 -37.05
CA VAL E 248 -25.87 9.65 -36.11
C VAL E 248 -25.64 9.14 -34.68
N LEU E 249 -26.34 9.73 -33.76
CA LEU E 249 -26.46 9.16 -32.46
C LEU E 249 -27.96 8.98 -32.20
N LEU E 250 -28.30 7.79 -31.72
CA LEU E 250 -29.68 7.46 -31.37
C LEU E 250 -29.70 7.30 -29.88
N ALA E 251 -30.50 8.14 -29.19
CA ALA E 251 -30.71 8.01 -27.77
C ALA E 251 -32.02 7.27 -27.45
N TYR E 252 -32.05 6.42 -26.43
CA TYR E 252 -33.26 5.69 -26.03
C TYR E 252 -33.44 5.63 -24.57
N GLY E 253 -34.67 5.53 -24.11
CA GLY E 253 -34.94 5.39 -22.69
C GLY E 253 -35.40 3.95 -22.51
N ARG E 254 -35.07 3.29 -21.40
CA ARG E 254 -35.80 2.04 -21.15
C ARG E 254 -36.66 2.12 -19.91
N LYS F 1 -14.10 1.59 -35.75
CA LYS F 1 -12.91 2.41 -36.06
C LYS F 1 -12.70 2.52 -37.60
N LYS F 2 -12.80 3.72 -38.18
CA LYS F 2 -12.74 3.87 -39.65
C LYS F 2 -11.31 4.23 -40.10
N VAL F 3 -10.86 3.57 -41.18
CA VAL F 3 -9.44 3.60 -41.59
C VAL F 3 -9.18 4.53 -42.76
N VAL F 4 -8.23 5.46 -42.62
CA VAL F 4 -7.92 6.40 -43.71
C VAL F 4 -6.79 5.90 -44.64
N ALA F 5 -5.95 5.00 -44.08
CA ALA F 5 -4.73 4.49 -44.71
C ALA F 5 -4.09 3.35 -43.94
N VAL F 6 -3.56 2.38 -44.69
CA VAL F 6 -2.58 1.41 -44.16
C VAL F 6 -1.18 1.59 -44.84
N VAL F 7 -0.24 1.99 -43.99
CA VAL F 7 1.06 2.41 -44.46
C VAL F 7 2.02 1.22 -44.33
N LYS F 8 2.77 0.91 -45.40
CA LYS F 8 3.78 -0.15 -45.32
C LYS F 8 5.17 0.44 -45.30
N LEU F 9 5.86 0.30 -44.16
CA LEU F 9 7.20 0.86 -44.01
C LEU F 9 8.22 -0.21 -43.71
N GLN F 10 9.50 0.15 -43.85
CA GLN F 10 10.60 -0.74 -43.41
C GLN F 10 11.67 -0.01 -42.60
N LEU F 11 11.63 -0.17 -41.28
CA LEU F 11 12.54 0.61 -40.43
C LEU F 11 13.63 -0.26 -39.79
N PRO F 12 14.81 0.37 -39.54
CA PRO F 12 15.81 -0.30 -38.73
C PRO F 12 15.48 -0.23 -37.25
N ALA F 13 15.32 -1.38 -36.61
CA ALA F 13 15.03 -1.51 -35.16
C ALA F 13 15.68 -0.45 -34.23
N GLY F 14 14.81 0.29 -33.52
CA GLY F 14 15.22 1.33 -32.57
C GLY F 14 15.87 2.59 -33.13
N LYS F 15 15.83 2.73 -34.46
CA LYS F 15 16.37 3.90 -35.15
C LYS F 15 15.32 4.52 -36.08
N ALA F 16 14.14 4.78 -35.57
CA ALA F 16 13.07 5.43 -36.34
C ALA F 16 13.01 6.90 -35.95
N THR F 17 12.99 7.82 -36.91
CA THR F 17 12.94 9.25 -36.55
C THR F 17 11.67 9.94 -37.02
N PRO F 18 11.36 11.13 -36.43
CA PRO F 18 10.37 12.11 -36.98
C PRO F 18 10.68 12.54 -38.43
N ALA F 19 11.68 11.89 -39.05
CA ALA F 19 12.09 12.21 -40.41
C ALA F 19 11.53 11.22 -41.46
N PRO F 20 11.65 11.60 -42.77
CA PRO F 20 11.15 10.64 -43.77
C PRO F 20 11.82 9.26 -43.54
N PRO F 21 11.08 8.14 -43.74
CA PRO F 21 9.72 7.99 -44.25
C PRO F 21 8.64 8.34 -43.26
N VAL F 22 8.94 8.32 -41.96
CA VAL F 22 7.88 8.51 -40.93
C VAL F 22 7.22 9.90 -41.02
N GLY F 23 8.08 10.94 -40.99
CA GLY F 23 7.69 12.37 -40.99
C GLY F 23 6.53 12.63 -41.91
N PRO F 24 6.70 12.38 -43.21
CA PRO F 24 5.59 12.45 -44.16
C PRO F 24 4.52 11.34 -44.00
N ALA F 25 4.93 10.08 -43.97
CA ALA F 25 3.99 8.93 -44.10
C ALA F 25 2.81 8.93 -43.14
N LEU F 26 3.10 9.20 -41.87
CA LEU F 26 2.11 9.35 -40.81
C LEU F 26 1.63 10.81 -40.74
N GLY F 27 2.62 11.74 -40.79
CA GLY F 27 2.33 13.20 -40.75
C GLY F 27 1.20 13.67 -41.65
N GLN F 28 1.20 13.11 -42.87
CA GLN F 28 0.17 13.35 -43.89
C GLN F 28 -1.24 13.01 -43.45
N HIS F 29 -1.39 12.00 -42.59
CA HIS F 29 -2.70 11.66 -42.05
C HIS F 29 -2.94 12.22 -40.65
N GLY F 30 -2.00 13.02 -40.15
CA GLY F 30 -2.19 13.73 -38.88
C GLY F 30 -2.08 12.81 -37.66
N ALA F 31 -1.48 11.63 -37.86
CA ALA F 31 -1.03 10.74 -36.80
C ALA F 31 0.09 11.39 -35.99
N ASN F 32 0.11 11.10 -34.68
CA ASN F 32 1.16 11.59 -33.82
C ASN F 32 2.49 10.91 -34.13
N ILE F 33 3.30 11.63 -34.93
CA ILE F 33 4.59 11.18 -35.41
C ILE F 33 5.46 10.78 -34.23
N MET F 34 5.64 11.74 -33.32
CA MET F 34 6.45 11.54 -32.14
C MET F 34 6.06 10.26 -31.35
N GLU F 35 4.75 10.04 -31.12
CA GLU F 35 4.26 8.81 -30.44
C GLU F 35 4.61 7.52 -31.16
N PHE F 36 4.68 7.54 -32.48
CA PHE F 36 5.14 6.34 -33.18
C PHE F 36 6.65 6.13 -33.00
N VAL F 37 7.40 7.22 -33.07
CA VAL F 37 8.84 7.19 -32.93
C VAL F 37 9.23 6.49 -31.62
N ALA F 38 8.66 6.99 -30.52
CA ALA F 38 8.97 6.39 -29.25
C ALA F 38 8.48 4.93 -29.27
N ALA F 39 7.18 4.74 -29.54
CA ALA F 39 6.52 3.42 -29.50
C ALA F 39 7.22 2.31 -30.31
N PHE F 40 7.72 2.67 -31.51
CA PHE F 40 8.42 1.72 -32.39
C PHE F 40 9.84 1.37 -31.86
N ASN F 41 10.61 2.42 -31.58
CA ASN F 41 11.90 2.25 -30.97
C ASN F 41 11.87 1.39 -29.70
N ALA F 42 10.94 1.69 -28.79
CA ALA F 42 10.70 0.90 -27.56
C ALA F 42 10.51 -0.62 -27.81
N ALA F 43 9.70 -0.97 -28.81
CA ALA F 43 9.36 -2.38 -29.12
C ALA F 43 10.38 -3.08 -30.03
N THR F 44 11.51 -2.41 -30.24
CA THR F 44 12.57 -2.84 -31.17
C THR F 44 13.99 -2.42 -30.72
N ALA F 45 14.12 -1.82 -29.52
CA ALA F 45 15.43 -1.33 -29.04
C ALA F 45 16.38 -2.47 -28.64
N ASN F 46 15.80 -3.60 -28.26
CA ASN F 46 16.56 -4.81 -27.95
C ASN F 46 17.21 -5.41 -29.20
N MET F 47 16.46 -5.46 -30.30
CA MET F 47 16.86 -6.16 -31.54
C MET F 47 18.13 -5.63 -32.25
N GLY F 48 18.86 -4.69 -31.62
CA GLY F 48 20.01 -3.96 -32.23
C GLY F 48 19.92 -3.60 -33.73
N ASP F 49 21.06 -3.69 -34.43
CA ASP F 49 21.17 -3.70 -35.90
C ASP F 49 20.19 -4.70 -36.54
N ALA F 50 19.08 -4.24 -37.12
CA ALA F 50 18.04 -5.14 -37.72
C ALA F 50 17.05 -4.41 -38.66
N ILE F 51 16.40 -5.18 -39.54
CA ILE F 51 15.49 -4.56 -40.54
C ILE F 51 14.02 -4.97 -40.38
N VAL F 52 13.23 -4.01 -39.93
CA VAL F 52 11.90 -4.30 -39.45
C VAL F 52 10.81 -3.76 -40.37
N PRO F 53 10.02 -4.68 -40.96
CA PRO F 53 8.89 -4.22 -41.77
C PRO F 53 7.79 -3.86 -40.78
N VAL F 54 7.25 -2.65 -40.90
CA VAL F 54 6.23 -2.18 -39.95
C VAL F 54 5.02 -1.71 -40.76
N GLU F 55 3.85 -1.96 -40.19
CA GLU F 55 2.58 -1.68 -40.88
C GLU F 55 1.63 -0.75 -40.05
N ILE F 56 1.64 0.55 -40.34
CA ILE F 56 0.84 1.49 -39.55
C ILE F 56 -0.58 1.68 -40.10
N THR F 57 -1.57 1.20 -39.34
CA THR F 57 -2.96 1.31 -39.76
C THR F 57 -3.50 2.63 -39.17
N ILE F 58 -3.82 3.62 -40.03
CA ILE F 58 -4.26 4.93 -39.53
C ILE F 58 -5.77 5.23 -39.67
N TYR F 59 -6.38 5.70 -38.56
CA TYR F 59 -7.83 5.91 -38.40
C TYR F 59 -8.31 7.40 -38.52
N ALA F 60 -9.63 7.58 -38.72
CA ALA F 60 -10.21 8.88 -39.07
C ALA F 60 -9.98 9.95 -38.00
N ASP F 61 -9.89 9.51 -36.76
CA ASP F 61 -9.81 10.48 -35.70
C ASP F 61 -8.36 10.74 -35.30
N ARG F 62 -7.43 10.31 -36.18
CA ARG F 62 -5.95 10.55 -36.08
C ARG F 62 -5.13 9.54 -35.27
N SER F 63 -5.86 8.73 -34.44
CA SER F 63 -5.29 7.58 -33.75
C SER F 63 -4.81 6.56 -34.76
N PHE F 64 -3.87 5.74 -34.34
CA PHE F 64 -3.31 4.72 -35.21
C PHE F 64 -2.87 3.57 -34.38
N THR F 65 -2.78 2.45 -35.07
CA THR F 65 -2.23 1.24 -34.54
C THR F 65 -1.16 0.66 -35.49
N PHE F 66 -0.18 -0.02 -34.92
CA PHE F 66 0.92 -0.61 -35.75
C PHE F 66 1.27 -2.08 -35.34
N VAL F 67 1.43 -2.96 -36.35
CA VAL F 67 1.92 -4.33 -36.14
C VAL F 67 3.30 -4.51 -36.80
N THR F 68 4.28 -5.06 -36.07
CA THR F 68 5.56 -5.43 -36.71
C THR F 68 5.65 -6.92 -37.05
N LYS F 69 6.14 -7.18 -38.27
CA LYS F 69 6.31 -8.53 -38.82
C LYS F 69 7.66 -9.13 -38.47
N THR F 70 7.78 -10.44 -38.70
CA THR F 70 9.06 -11.16 -38.74
C THR F 70 10.13 -10.42 -39.57
N PRO F 71 11.42 -10.45 -39.12
CA PRO F 71 12.55 -9.91 -39.95
C PRO F 71 12.79 -10.61 -41.35
N PRO F 72 13.68 -10.07 -42.19
CA PRO F 72 13.85 -10.72 -43.52
C PRO F 72 14.53 -12.11 -43.45
N ALA F 73 15.74 -12.23 -43.99
CA ALA F 73 16.49 -13.47 -43.91
C ALA F 73 17.89 -13.12 -43.41
N SER F 74 18.67 -12.50 -44.30
CA SER F 74 19.95 -11.86 -43.97
C SER F 74 20.38 -11.91 -42.49
N TYR F 75 19.43 -12.01 -41.57
CA TYR F 75 19.74 -11.93 -40.17
C TYR F 75 19.55 -13.30 -39.56
N LEU F 76 18.36 -13.85 -39.79
CA LEU F 76 18.13 -15.28 -39.62
C LEU F 76 19.50 -15.91 -39.50
N ILE F 77 20.50 -15.04 -39.63
CA ILE F 77 21.90 -15.42 -39.50
C ILE F 77 22.35 -15.29 -38.05
N ARG F 78 23.44 -14.53 -37.88
CA ARG F 78 24.08 -14.35 -36.60
C ARG F 78 23.54 -15.34 -35.58
N ILE F 98 30.53 -22.06 -42.66
CA ILE F 98 29.88 -23.39 -42.43
C ILE F 98 28.61 -23.34 -41.53
N THR F 99 27.66 -24.26 -41.83
CA THR F 99 26.41 -24.43 -41.06
C THR F 99 25.81 -25.85 -41.24
N TRP F 100 25.88 -26.61 -40.14
CA TRP F 100 25.51 -28.04 -39.98
C TRP F 100 24.03 -28.39 -40.32
N GLU F 101 23.27 -28.87 -39.31
CA GLU F 101 21.78 -28.95 -39.36
C GLU F 101 21.09 -27.96 -38.36
N GLN F 102 21.61 -26.70 -38.37
CA GLN F 102 21.00 -25.51 -37.72
C GLN F 102 19.88 -24.96 -38.57
N VAL F 103 20.03 -25.12 -39.89
CA VAL F 103 19.00 -24.85 -40.89
C VAL F 103 17.64 -25.47 -40.46
N LEU F 104 17.71 -26.59 -39.73
CA LEU F 104 16.55 -27.28 -39.15
C LEU F 104 16.00 -26.58 -37.89
N GLU F 105 16.89 -26.04 -37.06
CA GLU F 105 16.49 -25.30 -35.84
C GLU F 105 16.01 -23.85 -36.11
N ILE F 106 16.59 -23.20 -37.13
CA ILE F 106 16.21 -21.84 -37.56
C ILE F 106 14.91 -21.81 -38.41
N ALA F 107 14.60 -22.96 -39.04
CA ALA F 107 13.33 -23.15 -39.76
C ALA F 107 12.16 -23.35 -38.79
N LYS F 108 12.40 -24.07 -37.68
CA LYS F 108 11.40 -24.27 -36.60
C LYS F 108 11.27 -23.09 -35.61
N GLN F 109 12.17 -22.11 -35.73
CA GLN F 109 11.99 -20.80 -35.10
C GLN F 109 11.08 -19.97 -36.00
N LYS F 110 11.33 -20.10 -37.32
CA LYS F 110 10.70 -19.28 -38.35
C LYS F 110 9.28 -19.73 -38.74
N MET F 111 8.90 -20.95 -38.32
CA MET F 111 7.61 -21.55 -38.69
C MET F 111 6.38 -20.69 -38.37
N PRO F 112 6.24 -20.23 -37.10
CA PRO F 112 5.10 -19.34 -36.75
C PRO F 112 5.01 -18.09 -37.63
N ASP F 113 6.12 -17.78 -38.29
CA ASP F 113 6.35 -16.48 -38.90
C ASP F 113 6.87 -16.60 -40.33
N LEU F 114 6.28 -17.58 -41.05
CA LEU F 114 6.51 -17.73 -42.48
C LEU F 114 5.16 -17.93 -43.17
N ASN F 115 5.20 -18.01 -44.49
CA ASN F 115 4.01 -18.27 -45.29
C ASN F 115 3.97 -19.74 -45.71
N THR F 116 4.08 -20.64 -44.73
CA THR F 116 4.24 -22.10 -44.96
C THR F 116 4.06 -22.89 -43.63
N THR F 117 3.42 -24.07 -43.72
CA THR F 117 3.33 -25.04 -42.58
C THR F 117 4.23 -26.27 -42.81
N ASP F 118 4.59 -26.49 -44.08
CA ASP F 118 5.62 -27.46 -44.52
C ASP F 118 6.97 -27.08 -43.89
N LEU F 119 7.49 -27.95 -43.00
CA LEU F 119 8.70 -27.70 -42.19
C LEU F 119 10.02 -27.88 -42.96
N GLU F 120 10.00 -28.82 -43.92
CA GLU F 120 11.14 -29.11 -44.79
C GLU F 120 11.20 -28.19 -46.03
N ALA F 121 10.03 -27.81 -46.57
CA ALA F 121 9.97 -26.86 -47.69
C ALA F 121 10.49 -25.47 -47.29
N ALA F 122 10.41 -25.19 -45.98
CA ALA F 122 10.97 -23.96 -45.40
C ALA F 122 12.45 -24.09 -45.00
N ALA F 123 12.91 -25.30 -44.70
CA ALA F 123 14.33 -25.56 -44.37
C ALA F 123 15.23 -25.70 -45.62
N ARG F 124 14.61 -25.87 -46.79
CA ARG F 124 15.31 -25.90 -48.10
C ARG F 124 15.61 -24.48 -48.58
N MET F 125 14.59 -23.63 -48.43
CA MET F 125 14.61 -22.22 -48.79
C MET F 125 15.50 -21.41 -47.84
N ILE F 126 15.46 -21.75 -46.55
CA ILE F 126 16.38 -21.16 -45.55
C ILE F 126 17.83 -21.66 -45.74
N ALA F 127 17.98 -22.92 -46.14
CA ALA F 127 19.26 -23.44 -46.63
C ALA F 127 19.72 -22.72 -47.93
N GLY F 128 18.85 -22.70 -48.96
CA GLY F 128 19.14 -22.02 -50.24
C GLY F 128 19.43 -20.53 -50.16
N SER F 129 19.00 -19.93 -49.05
CA SER F 129 19.33 -18.54 -48.69
C SER F 129 20.70 -18.47 -48.02
N ALA F 130 21.11 -19.57 -47.39
CA ALA F 130 22.46 -19.71 -46.86
C ALA F 130 23.47 -19.97 -48.00
N ARG F 131 23.00 -20.56 -49.11
CA ARG F 131 23.88 -20.91 -50.25
C ARG F 131 24.22 -19.75 -51.21
N SER F 132 23.36 -18.73 -51.26
CA SER F 132 23.68 -17.51 -52.01
C SER F 132 24.01 -16.31 -51.04
N MET F 133 25.04 -16.62 -50.15
CA MET F 133 25.56 -15.63 -49.19
C MET F 133 27.11 -15.59 -49.05
N GLY F 134 27.78 -16.75 -48.92
CA GLY F 134 27.18 -18.09 -48.87
C GLY F 134 27.79 -19.01 -47.82
N VAL F 135 27.05 -19.24 -46.73
CA VAL F 135 27.43 -20.19 -45.67
C VAL F 135 26.93 -21.61 -46.05
N GLU F 136 27.87 -22.56 -46.19
CA GLU F 136 27.62 -23.93 -46.70
C GLU F 136 26.53 -24.74 -45.94
N VAL F 137 26.06 -25.85 -46.55
CA VAL F 137 25.17 -26.81 -45.87
C VAL F 137 25.72 -28.24 -46.08
N VAL F 138 25.40 -29.17 -45.17
CA VAL F 138 25.95 -30.56 -45.24
C VAL F 138 24.89 -31.69 -45.45
N GLY F 139 23.82 -31.68 -44.65
CA GLY F 139 22.79 -32.74 -44.74
C GLY F 139 21.87 -32.65 -45.97
N ALA F 140 21.10 -33.72 -46.21
CA ALA F 140 20.09 -33.79 -47.32
C ALA F 140 20.75 -33.68 -48.71
N SAH G . -15.65 -11.08 6.32
CA SAH G . -15.82 -12.57 6.24
CB SAH G . -16.09 -13.14 7.62
CG SAH G . -17.47 -12.88 8.27
SD SAH G . -17.58 -14.02 9.73
C SAH G . -16.90 -12.97 5.20
O SAH G . -17.54 -12.09 4.62
OXT SAH G . -17.14 -14.14 4.81
C5' SAH G . -17.80 -12.56 10.81
C4' SAH G . -16.45 -12.27 11.50
O4' SAH G . -16.54 -11.16 12.35
C3' SAH G . -15.81 -13.33 12.35
O3' SAH G . -14.50 -13.70 11.89
C2' SAH G . -15.74 -12.72 13.73
O2' SAH G . -14.51 -13.00 14.33
C1' SAH G . -15.67 -11.28 13.43
N9 SAH G . -16.32 -10.47 14.42
C8 SAH G . -17.38 -10.78 15.20
N7 SAH G . -17.67 -9.69 15.96
C5 SAH G . -16.84 -8.69 15.61
C6 SAH G . -16.70 -7.38 16.06
N6 SAH G . -17.51 -6.93 17.01
N1 SAH G . -15.73 -6.57 15.52
C2 SAH G . -14.92 -7.11 14.55
N3 SAH G . -15.02 -8.41 14.14
C4 SAH G . -16.00 -9.17 14.63
I IOD H . -20.19 -13.52 13.85
CE 2MM I . -27.15 -15.17 14.16
SD 2MM I . -26.83 -14.92 12.44
CG 2MM I . -25.09 -15.36 12.30
CB 2MM I . -24.43 -14.51 11.19
CA 2MM I . -22.94 -14.66 10.98
C 2MM I . -22.67 -16.13 11.05
O 2MM I . -22.99 -16.86 10.11
N 2MM I . -22.46 -14.00 9.69
CN2 2MM I . -22.78 -14.68 8.43
CN1 2MM I . -20.99 -13.85 9.68
N SAH J . 10.96 13.88 12.05
CA SAH J . 10.96 14.39 13.44
CB SAH J . 11.89 15.62 13.56
CG SAH J . 11.49 16.80 12.67
SD SAH J . 12.56 18.22 13.01
C SAH J . 9.53 14.79 13.79
O SAH J . 8.66 14.62 12.92
OXT SAH J . 9.18 15.22 14.92
C5' SAH J . 13.17 18.61 11.36
C4' SAH J . 14.46 17.80 11.22
O4' SAH J . 14.91 17.95 9.88
C3' SAH J . 15.66 18.37 11.98
O3' SAH J . 16.27 17.30 12.72
C2' SAH J . 16.64 18.90 10.93
O2' SAH J . 18.03 18.60 11.19
C1' SAH J . 16.30 18.06 9.75
N9 SAH J . 16.51 18.86 8.56
C8 SAH J . 16.43 20.25 8.40
N7 SAH J . 16.64 20.59 7.10
C5 SAH J . 16.85 19.44 6.42
C6 SAH J . 17.14 19.15 5.06
N6 SAH J . 17.27 20.05 4.08
N1 SAH J . 17.29 17.87 4.68
C2 SAH J . 17.17 16.83 5.55
N3 SAH J . 16.91 17.07 6.86
C4 SAH J . 16.76 18.35 7.30
CE 2MM K . 7.46 27.33 12.52
SD 2MM K . 8.70 26.92 11.39
CG 2MM K . 9.56 25.67 12.37
CB 2MM K . 9.09 24.26 12.04
CA 2MM K . 9.96 23.08 12.46
C 2MM K . 10.53 23.19 13.89
O 2MM K . 9.86 23.43 14.90
N 2MM K . 9.27 21.75 12.23
CN2 2MM K . 8.10 21.52 13.09
CN1 2MM K . 10.26 20.70 12.42
N SAH L . -15.60 5.47 -26.91
CA SAH L . -14.47 6.01 -27.68
CB SAH L . -13.81 5.00 -28.61
CG SAH L . -14.74 4.35 -29.62
SD SAH L . -13.85 3.21 -30.76
C SAH L . -14.97 7.21 -28.52
O SAH L . -16.16 7.50 -28.48
OXT SAH L . -14.22 7.89 -29.21
C5' SAH L . -14.76 1.63 -30.23
C4' SAH L . -13.99 0.86 -29.21
O4' SAH L . -14.76 -0.27 -28.90
C3' SAH L . -12.83 0.25 -29.86
O3' SAH L . -11.73 0.88 -29.11
C2' SAH L . -12.95 -1.31 -29.78
O2' SAH L . -11.58 -1.71 -29.38
C1' SAH L . -14.04 -1.50 -28.88
N9 SAH L . -15.00 -2.61 -29.21
C8 SAH L . -15.42 -3.08 -30.42
N7 SAH L . -16.32 -4.10 -30.14
C5 SAH L . -16.43 -4.21 -28.79
C6 SAH L . -17.21 -5.06 -27.96
N6 SAH L . -17.95 -5.89 -28.60
N1 SAH L . -17.16 -4.88 -26.60
C2 SAH L . -16.33 -3.90 -26.04
N3 SAH L . -15.55 -3.00 -26.79
C4 SAH L . -15.66 -3.23 -28.15
I IOD M . -15.41 -0.64 -33.85
CE 2MM N . -18.36 0.31 -40.08
SD 2MM N . -18.84 1.73 -39.13
CG 2MM N . -17.49 2.57 -38.35
CB 2MM N . -17.83 2.75 -36.86
CA 2MM N . -16.72 2.80 -35.79
C 2MM N . -15.37 3.17 -36.36
O 2MM N . -15.23 4.29 -36.77
N 2MM N . -17.10 3.68 -34.61
CN2 2MM N . -17.21 5.15 -34.86
CN1 2MM N . -16.11 3.46 -33.54
#